data_8YNP
# 
_entry.id   8YNP 
# 
_audit_conform.dict_name       mmcif_pdbx.dic 
_audit_conform.dict_version    5.399 
_audit_conform.dict_location   http://mmcif.pdb.org/dictionaries/ascii/mmcif_pdbx.dic 
# 
loop_
_database_2.database_id 
_database_2.database_code 
_database_2.pdbx_database_accession 
_database_2.pdbx_DOI 
PDB   8YNP         pdb_00008ynp 10.2210/pdb8ynp/pdb 
WWPDB D_1300046012 ?            ?                   
# 
_pdbx_audit_revision_history.ordinal             1 
_pdbx_audit_revision_history.data_content_type   'Structure model' 
_pdbx_audit_revision_history.major_revision      1 
_pdbx_audit_revision_history.minor_revision      0 
_pdbx_audit_revision_history.revision_date       2025-01-22 
# 
_pdbx_audit_revision_details.ordinal             1 
_pdbx_audit_revision_details.revision_ordinal    1 
_pdbx_audit_revision_details.data_content_type   'Structure model' 
_pdbx_audit_revision_details.provider            repository 
_pdbx_audit_revision_details.type                'Initial release' 
_pdbx_audit_revision_details.description         ? 
_pdbx_audit_revision_details.details             ? 
# 
_pdbx_database_status.status_code                     REL 
_pdbx_database_status.status_code_sf                  REL 
_pdbx_database_status.status_code_mr                  ? 
_pdbx_database_status.entry_id                        8YNP 
_pdbx_database_status.recvd_initial_deposition_date   2024-03-11 
_pdbx_database_status.SG_entry                        N 
_pdbx_database_status.deposit_site                    PDBJ 
_pdbx_database_status.process_site                    PDBJ 
_pdbx_database_status.status_code_cs                  ? 
_pdbx_database_status.status_code_nmr_data            ? 
_pdbx_database_status.methods_development_category    ? 
_pdbx_database_status.pdb_format_compatible           Y 
# 
_pdbx_database_related.db_name        PDB 
_pdbx_database_related.details        . 
_pdbx_database_related.db_id          8YNO 
_pdbx_database_related.content_type   unspecified 
# 
_pdbx_contact_author.id                 2 
_pdbx_contact_author.email              j.kondo@sophia.ac.jp 
_pdbx_contact_author.name_first         Jiro 
_pdbx_contact_author.name_last          Kondo 
_pdbx_contact_author.name_mi            ? 
_pdbx_contact_author.role               'principal investigator/group leader' 
_pdbx_contact_author.identifier_ORCID   0000-0002-5682-3685 
# 
loop_
_audit_author.name 
_audit_author.pdbx_ordinal 
_audit_author.identifier_ORCID 
'Kondo, J.' 1 ? 
'Abe, H.'   2 ? 
# 
_citation.abstract                  ? 
_citation.abstract_id_CAS           ? 
_citation.book_id_ISBN              ? 
_citation.book_publisher            ? 
_citation.book_publisher_city       ? 
_citation.book_title                ? 
_citation.coordinate_linkage        ? 
_citation.country                   UK 
_citation.database_id_Medline       ? 
_citation.details                   ? 
_citation.id                        primary 
_citation.journal_abbrev            'Nucleic Acids Res.' 
_citation.journal_id_ASTM           NARHAD 
_citation.journal_id_CSD            0389 
_citation.journal_id_ISSN           1362-4962 
_citation.journal_full              ? 
_citation.journal_issue             ? 
_citation.journal_volume            52 
_citation.language                  ? 
_citation.page_first                10754 
_citation.page_last                 10774 
_citation.title                     
;Synthesis of 2'-formamidonucleoside phosphoramidites for suppressing the seed-based off-target effects of siRNAs.
;
_citation.year                      2024 
_citation.database_id_CSD           ? 
_citation.pdbx_database_id_DOI      10.1093/nar/gkae741 
_citation.pdbx_database_id_PubMed   39231537 
_citation.pdbx_database_id_patent   ? 
_citation.unpublished_flag          ? 
# 
loop_
_citation_author.citation_id 
_citation_author.name 
_citation_author.ordinal 
_citation_author.identifier_ORCID 
primary 'Nomura, K.'    1  ?                   
primary 'An, S.'        2  ?                   
primary 'Kobayashi, Y.' 3  ?                   
primary 'Kondo, J.'     4  0000-0002-5682-3685 
primary 'Shi, T.'       5  ?                   
primary 'Murase, H.'    6  ?                   
primary 'Nakamoto, K.'  7  ?                   
primary 'Kimura, Y.'    8  ?                   
primary 'Abe, N.'       9  ?                   
primary 'Ui-Tei, K.'    10 0000-0001-8695-9025 
primary 'Abe, H.'       11 0000-0003-0048-3789 
# 
loop_
_entity.id 
_entity.type 
_entity.src_method 
_entity.pdbx_description 
_entity.formula_weight 
_entity.pdbx_number_of_molecules 
_entity.pdbx_ec 
_entity.pdbx_mutation 
_entity.pdbx_fragment 
_entity.details 
1 polymer syn 
;RNA (5'-R(*GP*GP*AP*CP*(5BU)P*CP*GP*AP*GP*(HHX)P*CP*C)-3')
;
3947.284 2   ? ? ? ? 
2 water   nat water                                                        18.015   170 ? ? ? ? 
# 
_entity_poly.entity_id                      1 
_entity_poly.type                           polyribonucleotide 
_entity_poly.nstd_linkage                   no 
_entity_poly.nstd_monomer                   yes 
_entity_poly.pdbx_seq_one_letter_code       'GGAC(5BU)CGAG(HHX)CC' 
_entity_poly.pdbx_seq_one_letter_code_can   GGACUCGAGXCC 
_entity_poly.pdbx_strand_id                 A,B 
_entity_poly.pdbx_target_identifier         ? 
# 
_pdbx_entity_nonpoly.entity_id   2 
_pdbx_entity_nonpoly.name        water 
_pdbx_entity_nonpoly.comp_id     HOH 
# 
loop_
_entity_poly_seq.entity_id 
_entity_poly_seq.num 
_entity_poly_seq.mon_id 
_entity_poly_seq.hetero 
1 1  G   n 
1 2  G   n 
1 3  A   n 
1 4  C   n 
1 5  5BU n 
1 6  C   n 
1 7  G   n 
1 8  A   n 
1 9  G   n 
1 10 HHX n 
1 11 C   n 
1 12 C   n 
# 
_pdbx_entity_src_syn.entity_id              1 
_pdbx_entity_src_syn.pdbx_src_id            1 
_pdbx_entity_src_syn.pdbx_alt_source_flag   sample 
_pdbx_entity_src_syn.pdbx_beg_seq_num       1 
_pdbx_entity_src_syn.pdbx_end_seq_num       12 
_pdbx_entity_src_syn.organism_scientific    'synthetic construct' 
_pdbx_entity_src_syn.organism_common_name   ? 
_pdbx_entity_src_syn.ncbi_taxonomy_id       32630 
_pdbx_entity_src_syn.details                ? 
# 
loop_
_chem_comp.id 
_chem_comp.type 
_chem_comp.mon_nstd_flag 
_chem_comp.name 
_chem_comp.pdbx_synonyms 
_chem_comp.formula 
_chem_comp.formula_weight 
5BU 'RNA linking' n "5-BROMO-URIDINE-5'-MONOPHOSPHATE" ? 'C9 H12 Br N2 O9 P' 403.077 
A   'RNA linking' y "ADENOSINE-5'-MONOPHOSPHATE" ? 'C10 H14 N5 O7 P'   347.221 
C   'RNA linking' y "CYTIDINE-5'-MONOPHOSPHATE" ? 'C9 H14 N3 O8 P'    323.197 
G   'RNA linking' y "GUANOSINE-5'-MONOPHOSPHATE" ? 'C10 H14 N5 O8 P'   363.221 
HHX 'RNA linking' . 
;[(2R,3S,4R,5R)-5-[2,4-bis(oxidanylidene)pyrimidin-1-yl]-4-[methanoyl(methyl)amino]-3-oxidanyl-oxolan-2-yl]methyl dihydrogen phosphate
;
? 'C11 H16 N3 O9 P'   365.233 
HOH non-polymer   . WATER ? 'H2 O'              18.015  
# 
loop_
_pdbx_poly_seq_scheme.asym_id 
_pdbx_poly_seq_scheme.entity_id 
_pdbx_poly_seq_scheme.seq_id 
_pdbx_poly_seq_scheme.mon_id 
_pdbx_poly_seq_scheme.ndb_seq_num 
_pdbx_poly_seq_scheme.pdb_seq_num 
_pdbx_poly_seq_scheme.auth_seq_num 
_pdbx_poly_seq_scheme.pdb_mon_id 
_pdbx_poly_seq_scheme.auth_mon_id 
_pdbx_poly_seq_scheme.pdb_strand_id 
_pdbx_poly_seq_scheme.pdb_ins_code 
_pdbx_poly_seq_scheme.hetero 
A 1 1  G   1  1  1  G   G   A . n 
A 1 2  G   2  2  2  G   G   A . n 
A 1 3  A   3  3  3  A   A   A . n 
A 1 4  C   4  4  4  C   C   A . n 
A 1 5  5BU 5  5  5  5BU 5BU A . n 
A 1 6  C   6  6  6  C   C   A . n 
A 1 7  G   7  7  7  G   G   A . n 
A 1 8  A   8  8  8  A   A   A . n 
A 1 9  G   9  9  9  G   G   A . n 
A 1 10 HHX 10 10 10 HHX HHX A . n 
A 1 11 C   11 11 11 C   C   A . n 
A 1 12 C   12 12 12 C   C   A . n 
B 1 1  G   1  1  1  G   G   B . n 
B 1 2  G   2  2  2  G   G   B . n 
B 1 3  A   3  3  3  A   A   B . n 
B 1 4  C   4  4  4  C   C   B . n 
B 1 5  5BU 5  5  5  5BU 5BU B . n 
B 1 6  C   6  6  6  C   C   B . n 
B 1 7  G   7  7  7  G   G   B . n 
B 1 8  A   8  8  8  A   A   B . n 
B 1 9  G   9  9  9  G   G   B . n 
B 1 10 HHX 10 10 10 HHX HHX B . n 
B 1 11 C   11 11 11 C   C   B . n 
B 1 12 C   12 12 12 C   C   B . n 
# 
_pdbx_entity_instance_feature.ordinal        1 
_pdbx_entity_instance_feature.comp_id        HHX 
_pdbx_entity_instance_feature.asym_id        ? 
_pdbx_entity_instance_feature.seq_num        ? 
_pdbx_entity_instance_feature.auth_comp_id   HHX 
_pdbx_entity_instance_feature.auth_asym_id   ? 
_pdbx_entity_instance_feature.auth_seq_num   ? 
_pdbx_entity_instance_feature.feature_type   'SUBJECT OF INVESTIGATION' 
_pdbx_entity_instance_feature.details        ? 
# 
loop_
_pdbx_nonpoly_scheme.asym_id 
_pdbx_nonpoly_scheme.entity_id 
_pdbx_nonpoly_scheme.mon_id 
_pdbx_nonpoly_scheme.ndb_seq_num 
_pdbx_nonpoly_scheme.pdb_seq_num 
_pdbx_nonpoly_scheme.auth_seq_num 
_pdbx_nonpoly_scheme.pdb_mon_id 
_pdbx_nonpoly_scheme.auth_mon_id 
_pdbx_nonpoly_scheme.pdb_strand_id 
_pdbx_nonpoly_scheme.pdb_ins_code 
C 2 HOH 1  101 101 HOH HOH A . 
C 2 HOH 2  102 102 HOH HOH A . 
C 2 HOH 3  103 103 HOH HOH A . 
C 2 HOH 4  104 104 HOH HOH A . 
C 2 HOH 5  105 105 HOH HOH A . 
C 2 HOH 6  106 106 HOH HOH A . 
C 2 HOH 7  107 107 HOH HOH A . 
C 2 HOH 8  108 108 HOH HOH A . 
C 2 HOH 9  109 109 HOH HOH A . 
C 2 HOH 10 110 110 HOH HOH A . 
C 2 HOH 11 111 111 HOH HOH A . 
C 2 HOH 12 112 112 HOH HOH A . 
C 2 HOH 13 113 113 HOH HOH A . 
C 2 HOH 14 114 114 HOH HOH A . 
C 2 HOH 15 115 115 HOH HOH A . 
C 2 HOH 16 116 116 HOH HOH A . 
C 2 HOH 17 117 117 HOH HOH A . 
C 2 HOH 18 118 118 HOH HOH A . 
C 2 HOH 19 119 119 HOH HOH A . 
C 2 HOH 20 120 120 HOH HOH A . 
C 2 HOH 21 121 121 HOH HOH A . 
C 2 HOH 22 122 122 HOH HOH A . 
C 2 HOH 23 123 123 HOH HOH A . 
C 2 HOH 24 124 124 HOH HOH A . 
C 2 HOH 25 125 125 HOH HOH A . 
C 2 HOH 26 126 126 HOH HOH A . 
C 2 HOH 27 127 127 HOH HOH A . 
C 2 HOH 28 128 128 HOH HOH A . 
C 2 HOH 29 129 129 HOH HOH A . 
C 2 HOH 30 130 130 HOH HOH A . 
C 2 HOH 31 131 131 HOH HOH A . 
C 2 HOH 32 132 132 HOH HOH A . 
C 2 HOH 33 133 133 HOH HOH A . 
C 2 HOH 34 134 134 HOH HOH A . 
C 2 HOH 35 135 136 HOH HOH A . 
C 2 HOH 36 136 135 HOH HOH A . 
C 2 HOH 37 137 137 HOH HOH A . 
C 2 HOH 38 138 138 HOH HOH A . 
C 2 HOH 39 139 139 HOH HOH A . 
C 2 HOH 40 140 140 HOH HOH A . 
C 2 HOH 41 141 141 HOH HOH A . 
C 2 HOH 42 142 142 HOH HOH A . 
C 2 HOH 43 143 143 HOH HOH A . 
C 2 HOH 44 144 144 HOH HOH A . 
C 2 HOH 45 145 145 HOH HOH A . 
C 2 HOH 46 146 146 HOH HOH A . 
C 2 HOH 47 147 147 HOH HOH A . 
C 2 HOH 48 148 148 HOH HOH A . 
C 2 HOH 49 149 149 HOH HOH A . 
C 2 HOH 50 150 150 HOH HOH A . 
C 2 HOH 51 151 151 HOH HOH A . 
C 2 HOH 52 152 152 HOH HOH A . 
C 2 HOH 53 153 153 HOH HOH A . 
C 2 HOH 54 154 154 HOH HOH A . 
C 2 HOH 55 155 155 HOH HOH A . 
C 2 HOH 56 156 156 HOH HOH A . 
C 2 HOH 57 157 157 HOH HOH A . 
C 2 HOH 58 158 158 HOH HOH A . 
C 2 HOH 59 159 159 HOH HOH A . 
C 2 HOH 60 160 160 HOH HOH A . 
C 2 HOH 61 161 161 HOH HOH A . 
C 2 HOH 62 162 162 HOH HOH A . 
C 2 HOH 63 163 163 HOH HOH A . 
C 2 HOH 64 164 164 HOH HOH A . 
C 2 HOH 65 165 165 HOH HOH A . 
C 2 HOH 66 166 166 HOH HOH A . 
C 2 HOH 67 167 167 HOH HOH A . 
C 2 HOH 68 168 168 HOH HOH A . 
C 2 HOH 69 169 169 HOH HOH A . 
C 2 HOH 70 170 170 HOH HOH A . 
C 2 HOH 71 171 171 HOH HOH A . 
C 2 HOH 72 172 172 HOH HOH A . 
C 2 HOH 73 173 173 HOH HOH A . 
C 2 HOH 74 174 174 HOH HOH A . 
C 2 HOH 75 175 175 HOH HOH A . 
C 2 HOH 76 176 176 HOH HOH A . 
C 2 HOH 77 177 177 HOH HOH A . 
C 2 HOH 78 178 178 HOH HOH A . 
C 2 HOH 79 179 179 HOH HOH A . 
C 2 HOH 80 180 180 HOH HOH A . 
C 2 HOH 81 181 181 HOH HOH A . 
C 2 HOH 82 182 182 HOH HOH A . 
C 2 HOH 83 183 183 HOH HOH A . 
D 2 HOH 1  101 101 HOH HOH B . 
D 2 HOH 2  102 102 HOH HOH B . 
D 2 HOH 3  103 103 HOH HOH B . 
D 2 HOH 4  104 104 HOH HOH B . 
D 2 HOH 5  105 105 HOH HOH B . 
D 2 HOH 6  106 106 HOH HOH B . 
D 2 HOH 7  107 107 HOH HOH B . 
D 2 HOH 8  108 108 HOH HOH B . 
D 2 HOH 9  109 109 HOH HOH B . 
D 2 HOH 10 110 110 HOH HOH B . 
D 2 HOH 11 111 111 HOH HOH B . 
D 2 HOH 12 112 112 HOH HOH B . 
D 2 HOH 13 113 113 HOH HOH B . 
D 2 HOH 14 114 114 HOH HOH B . 
D 2 HOH 15 115 115 HOH HOH B . 
D 2 HOH 16 116 116 HOH HOH B . 
D 2 HOH 17 117 117 HOH HOH B . 
D 2 HOH 18 118 118 HOH HOH B . 
D 2 HOH 19 119 119 HOH HOH B . 
D 2 HOH 20 120 120 HOH HOH B . 
D 2 HOH 21 121 121 HOH HOH B . 
D 2 HOH 22 122 122 HOH HOH B . 
D 2 HOH 23 123 123 HOH HOH B . 
D 2 HOH 24 124 124 HOH HOH B . 
D 2 HOH 25 125 125 HOH HOH B . 
D 2 HOH 26 126 126 HOH HOH B . 
D 2 HOH 27 127 127 HOH HOH B . 
D 2 HOH 28 128 128 HOH HOH B . 
D 2 HOH 29 129 129 HOH HOH B . 
D 2 HOH 30 130 130 HOH HOH B . 
D 2 HOH 31 131 131 HOH HOH B . 
D 2 HOH 32 132 132 HOH HOH B . 
D 2 HOH 33 133 133 HOH HOH B . 
D 2 HOH 34 134 134 HOH HOH B . 
D 2 HOH 35 135 135 HOH HOH B . 
D 2 HOH 36 136 136 HOH HOH B . 
D 2 HOH 37 137 137 HOH HOH B . 
D 2 HOH 38 138 138 HOH HOH B . 
D 2 HOH 39 139 139 HOH HOH B . 
D 2 HOH 40 140 140 HOH HOH B . 
D 2 HOH 41 141 141 HOH HOH B . 
D 2 HOH 42 142 142 HOH HOH B . 
D 2 HOH 43 143 143 HOH HOH B . 
D 2 HOH 44 144 144 HOH HOH B . 
D 2 HOH 45 145 145 HOH HOH B . 
D 2 HOH 46 146 146 HOH HOH B . 
D 2 HOH 47 147 147 HOH HOH B . 
D 2 HOH 48 148 148 HOH HOH B . 
D 2 HOH 49 149 149 HOH HOH B . 
D 2 HOH 50 150 150 HOH HOH B . 
D 2 HOH 51 151 151 HOH HOH B . 
D 2 HOH 52 152 152 HOH HOH B . 
D 2 HOH 53 153 153 HOH HOH B . 
D 2 HOH 54 154 154 HOH HOH B . 
D 2 HOH 55 155 155 HOH HOH B . 
D 2 HOH 56 156 156 HOH HOH B . 
D 2 HOH 57 157 157 HOH HOH B . 
D 2 HOH 58 158 158 HOH HOH B . 
D 2 HOH 59 159 159 HOH HOH B . 
D 2 HOH 60 160 160 HOH HOH B . 
D 2 HOH 61 161 161 HOH HOH B . 
D 2 HOH 62 162 162 HOH HOH B . 
D 2 HOH 63 163 163 HOH HOH B . 
D 2 HOH 64 164 164 HOH HOH B . 
D 2 HOH 65 165 165 HOH HOH B . 
D 2 HOH 66 166 166 HOH HOH B . 
D 2 HOH 67 167 167 HOH HOH B . 
D 2 HOH 68 168 168 HOH HOH B . 
D 2 HOH 69 169 169 HOH HOH B . 
D 2 HOH 70 170 170 HOH HOH B . 
D 2 HOH 71 171 171 HOH HOH B . 
D 2 HOH 72 172 172 HOH HOH B . 
D 2 HOH 73 173 173 HOH HOH B . 
D 2 HOH 74 174 174 HOH HOH B . 
D 2 HOH 75 175 175 HOH HOH B . 
D 2 HOH 76 176 176 HOH HOH B . 
D 2 HOH 77 177 177 HOH HOH B . 
D 2 HOH 78 178 178 HOH HOH B . 
D 2 HOH 79 179 179 HOH HOH B . 
D 2 HOH 80 180 180 HOH HOH B . 
D 2 HOH 81 181 181 HOH HOH B . 
D 2 HOH 82 182 182 HOH HOH B . 
D 2 HOH 83 183 183 HOH HOH B . 
D 2 HOH 84 184 184 HOH HOH B . 
D 2 HOH 85 185 185 HOH HOH B . 
D 2 HOH 86 186 186 HOH HOH B . 
D 2 HOH 87 187 187 HOH HOH B . 
# 
loop_
_software.citation_id 
_software.classification 
_software.compiler_name 
_software.compiler_version 
_software.contact_author 
_software.contact_author_email 
_software.date 
_software.description 
_software.dependencies 
_software.hardware 
_software.language 
_software.location 
_software.mods 
_software.name 
_software.os 
_software.os_version 
_software.type 
_software.version 
_software.pdbx_ordinal 
? refinement        ? ? ? ? ? ? ? ? ? ? ? PHENIX      ? ? ? 1.17.1_3660 1 
? 'data scaling'    ? ? ? ? ? ? ? ? ? ? ? XSCALE      ? ? ? .           2 
? 'data extraction' ? ? ? ? ? ? ? ? ? ? ? PDB_EXTRACT ? ? ? 3.27        3 
? phasing           ? ? ? ? ? ? ? ? ? ? ? PHASER      ? ? ? .           4 
# 
_cell.angle_alpha                  110.030 
_cell.angle_alpha_esd              ? 
_cell.angle_beta                   114.810 
_cell.angle_beta_esd               ? 
_cell.angle_gamma                  95.760 
_cell.angle_gamma_esd              ? 
_cell.entry_id                     8YNP 
_cell.details                      ? 
_cell.formula_units_Z              ? 
_cell.length_a                     25.604 
_cell.length_a_esd                 ? 
_cell.length_b                     27.932 
_cell.length_b_esd                 ? 
_cell.length_c                     28.668 
_cell.length_c_esd                 ? 
_cell.volume                       ? 
_cell.volume_esd                   ? 
_cell.Z_PDB                        2 
_cell.reciprocal_angle_alpha       ? 
_cell.reciprocal_angle_beta        ? 
_cell.reciprocal_angle_gamma       ? 
_cell.reciprocal_angle_alpha_esd   ? 
_cell.reciprocal_angle_beta_esd    ? 
_cell.reciprocal_angle_gamma_esd   ? 
_cell.reciprocal_length_a          ? 
_cell.reciprocal_length_b          ? 
_cell.reciprocal_length_c          ? 
_cell.reciprocal_length_a_esd      ? 
_cell.reciprocal_length_b_esd      ? 
_cell.reciprocal_length_c_esd      ? 
_cell.pdbx_unique_axis             ? 
_cell.pdbx_esd_method              ? 
# 
_symmetry.entry_id                         8YNP 
_symmetry.cell_setting                     ? 
_symmetry.Int_Tables_number                1 
_symmetry.space_group_name_Hall            ? 
_symmetry.space_group_name_H-M             'P 1' 
_symmetry.pdbx_full_space_group_name_H-M   ? 
# 
_exptl.absorpt_coefficient_mu     ? 
_exptl.absorpt_correction_T_max   ? 
_exptl.absorpt_correction_T_min   ? 
_exptl.absorpt_correction_type    ? 
_exptl.absorpt_process_details    ? 
_exptl.entry_id                   8YNP 
_exptl.crystals_number            1 
_exptl.details                    ? 
_exptl.method                     'X-RAY DIFFRACTION' 
_exptl.method_details             ? 
# 
_exptl_crystal.colour                       ? 
_exptl_crystal.density_diffrn               ? 
_exptl_crystal.density_Matthews             2.25 
_exptl_crystal.density_method               ? 
_exptl_crystal.density_percent_sol          45.21 
_exptl_crystal.description                  ? 
_exptl_crystal.F_000                        ? 
_exptl_crystal.id                           1 
_exptl_crystal.preparation                  ? 
_exptl_crystal.size_max                     ? 
_exptl_crystal.size_mid                     ? 
_exptl_crystal.size_min                     ? 
_exptl_crystal.size_rad                     ? 
_exptl_crystal.colour_lustre                ? 
_exptl_crystal.colour_modifier              ? 
_exptl_crystal.colour_primary               ? 
_exptl_crystal.density_meas                 ? 
_exptl_crystal.density_meas_esd             ? 
_exptl_crystal.density_meas_gt              ? 
_exptl_crystal.density_meas_lt              ? 
_exptl_crystal.density_meas_temp            ? 
_exptl_crystal.density_meas_temp_esd        ? 
_exptl_crystal.density_meas_temp_gt         ? 
_exptl_crystal.density_meas_temp_lt         ? 
_exptl_crystal.pdbx_crystal_image_url       ? 
_exptl_crystal.pdbx_crystal_image_format    ? 
_exptl_crystal.pdbx_mosaicity               ? 
_exptl_crystal.pdbx_mosaicity_esd           ? 
_exptl_crystal.pdbx_mosaic_method           ? 
_exptl_crystal.pdbx_mosaic_block_size       ? 
_exptl_crystal.pdbx_mosaic_block_size_esd   ? 
# 
_exptl_crystal_grow.apparatus       ? 
_exptl_crystal_grow.atmosphere      ? 
_exptl_crystal_grow.crystal_id      1 
_exptl_crystal_grow.details         ? 
_exptl_crystal_grow.method          'VAPOR DIFFUSION, HANGING DROP' 
_exptl_crystal_grow.method_ref      ? 
_exptl_crystal_grow.pH              ? 
_exptl_crystal_grow.pressure        ? 
_exptl_crystal_grow.pressure_esd    ? 
_exptl_crystal_grow.seeding         ? 
_exptl_crystal_grow.seeding_ref     ? 
_exptl_crystal_grow.temp_details    ? 
_exptl_crystal_grow.temp_esd        ? 
_exptl_crystal_grow.time            ? 
_exptl_crystal_grow.pdbx_details    'MPD, sodium cacodylate, spermine tetrahydrochloride' 
_exptl_crystal_grow.pdbx_pH_range   ? 
_exptl_crystal_grow.temp            293 
# 
_diffrn.ambient_environment              ? 
_diffrn.ambient_temp                     100 
_diffrn.ambient_temp_details             ? 
_diffrn.ambient_temp_esd                 ? 
_diffrn.crystal_id                       1 
_diffrn.crystal_support                  ? 
_diffrn.crystal_treatment                ? 
_diffrn.details                          ? 
_diffrn.id                               1 
_diffrn.ambient_pressure                 ? 
_diffrn.ambient_pressure_esd             ? 
_diffrn.ambient_pressure_gt              ? 
_diffrn.ambient_pressure_lt              ? 
_diffrn.ambient_temp_gt                  ? 
_diffrn.ambient_temp_lt                  ? 
_diffrn.pdbx_serial_crystal_experiment   N 
# 
_diffrn_detector.details                      ? 
_diffrn_detector.detector                     PIXEL 
_diffrn_detector.diffrn_id                    1 
_diffrn_detector.type                         'DECTRIS EIGER X 16M' 
_diffrn_detector.area_resol_mean              ? 
_diffrn_detector.dtime                        ? 
_diffrn_detector.pdbx_frames_total            ? 
_diffrn_detector.pdbx_collection_time_total   ? 
_diffrn_detector.pdbx_collection_date         2020-11-29 
_diffrn_detector.pdbx_frequency               ? 
_diffrn_detector.id                           ? 
_diffrn_detector.number_of_axes               ? 
# 
_diffrn_radiation.collimation                      ? 
_diffrn_radiation.diffrn_id                        1 
_diffrn_radiation.filter_edge                      ? 
_diffrn_radiation.inhomogeneity                    ? 
_diffrn_radiation.monochromator                    ? 
_diffrn_radiation.polarisn_norm                    ? 
_diffrn_radiation.polarisn_ratio                   ? 
_diffrn_radiation.probe                            ? 
_diffrn_radiation.type                             ? 
_diffrn_radiation.xray_symbol                      ? 
_diffrn_radiation.wavelength_id                    1 
_diffrn_radiation.pdbx_monochromatic_or_laue_m_l   M 
_diffrn_radiation.pdbx_wavelength_list             ? 
_diffrn_radiation.pdbx_wavelength                  ? 
_diffrn_radiation.pdbx_diffrn_protocol             'SINGLE WAVELENGTH' 
_diffrn_radiation.pdbx_analyzer                    ? 
_diffrn_radiation.pdbx_scattering_type             x-ray 
# 
_diffrn_radiation_wavelength.id           1 
_diffrn_radiation_wavelength.wavelength   0.91962 
_diffrn_radiation_wavelength.wt           1.0 
# 
_diffrn_source.current                     ? 
_diffrn_source.details                     ? 
_diffrn_source.diffrn_id                   1 
_diffrn_source.power                       ? 
_diffrn_source.size                        ? 
_diffrn_source.source                      SYNCHROTRON 
_diffrn_source.target                      ? 
_diffrn_source.type                        'PHOTON FACTORY BEAMLINE BL-17A' 
_diffrn_source.voltage                     ? 
_diffrn_source.take-off_angle              ? 
_diffrn_source.pdbx_wavelength_list        0.91962 
_diffrn_source.pdbx_wavelength             ? 
_diffrn_source.pdbx_synchrotron_beamline   BL-17A 
_diffrn_source.pdbx_synchrotron_site       'Photon Factory' 
# 
_reflns.B_iso_Wilson_estimate                          18.341 
_reflns.entry_id                                       8YNP 
_reflns.data_reduction_details                         ? 
_reflns.data_reduction_method                          ? 
_reflns.d_resolution_high                              1.400 
_reflns.d_resolution_low                               25.150 
_reflns.details                                        ? 
_reflns.limit_h_max                                    ? 
_reflns.limit_h_min                                    ? 
_reflns.limit_k_max                                    ? 
_reflns.limit_k_min                                    ? 
_reflns.limit_l_max                                    ? 
_reflns.limit_l_min                                    ? 
_reflns.number_all                                     ? 
_reflns.number_obs                                     12164 
_reflns.observed_criterion                             ? 
_reflns.observed_criterion_F_max                       ? 
_reflns.observed_criterion_F_min                       ? 
_reflns.observed_criterion_I_max                       ? 
_reflns.observed_criterion_I_min                       ? 
_reflns.observed_criterion_sigma_F                     ? 
_reflns.observed_criterion_sigma_I                     ? 
_reflns.percent_possible_obs                           93.900 
_reflns.R_free_details                                 ? 
_reflns.Rmerge_F_all                                   ? 
_reflns.Rmerge_F_obs                                   ? 
_reflns.Friedel_coverage                               ? 
_reflns.number_gt                                      ? 
_reflns.threshold_expression                           ? 
_reflns.pdbx_redundancy                                3.576 
_reflns.pdbx_netI_over_av_sigmaI                       ? 
_reflns.pdbx_netI_over_sigmaI                          12.580 
_reflns.pdbx_res_netI_over_av_sigmaI_2                 ? 
_reflns.pdbx_res_netI_over_sigmaI_2                    ? 
_reflns.pdbx_chi_squared                               0.963 
_reflns.pdbx_scaling_rejects                           ? 
_reflns.pdbx_d_res_high_opt                            ? 
_reflns.pdbx_d_res_low_opt                             ? 
_reflns.pdbx_d_res_opt_method                          ? 
_reflns.phase_calculation_details                      ? 
_reflns.pdbx_Rrim_I_all                                0.084 
_reflns.pdbx_Rpim_I_all                                ? 
_reflns.pdbx_d_opt                                     ? 
_reflns.pdbx_number_measured_all                       43501 
_reflns.pdbx_diffrn_id                                 1 
_reflns.pdbx_ordinal                                   1 
_reflns.pdbx_CC_half                                   0.993 
_reflns.pdbx_CC_star                                   ? 
_reflns.pdbx_R_split                                   ? 
_reflns.pdbx_Rmerge_I_obs                              0.071 
_reflns.pdbx_Rmerge_I_all                              ? 
_reflns.pdbx_Rsym_value                                ? 
_reflns.pdbx_CC_split_method                           ? 
_reflns.pdbx_aniso_diffraction_limit_axis_1_ortho[1]   ? 
_reflns.pdbx_aniso_diffraction_limit_axis_1_ortho[2]   ? 
_reflns.pdbx_aniso_diffraction_limit_axis_1_ortho[3]   ? 
_reflns.pdbx_aniso_diffraction_limit_axis_2_ortho[1]   ? 
_reflns.pdbx_aniso_diffraction_limit_axis_2_ortho[2]   ? 
_reflns.pdbx_aniso_diffraction_limit_axis_2_ortho[3]   ? 
_reflns.pdbx_aniso_diffraction_limit_axis_3_ortho[1]   ? 
_reflns.pdbx_aniso_diffraction_limit_axis_3_ortho[2]   ? 
_reflns.pdbx_aniso_diffraction_limit_axis_3_ortho[3]   ? 
_reflns.pdbx_aniso_diffraction_limit_1                 ? 
_reflns.pdbx_aniso_diffraction_limit_2                 ? 
_reflns.pdbx_aniso_diffraction_limit_3                 ? 
_reflns.pdbx_aniso_B_tensor_eigenvector_1_ortho[1]     ? 
_reflns.pdbx_aniso_B_tensor_eigenvector_1_ortho[2]     ? 
_reflns.pdbx_aniso_B_tensor_eigenvector_1_ortho[3]     ? 
_reflns.pdbx_aniso_B_tensor_eigenvector_2_ortho[1]     ? 
_reflns.pdbx_aniso_B_tensor_eigenvector_2_ortho[2]     ? 
_reflns.pdbx_aniso_B_tensor_eigenvector_2_ortho[3]     ? 
_reflns.pdbx_aniso_B_tensor_eigenvector_3_ortho[1]     ? 
_reflns.pdbx_aniso_B_tensor_eigenvector_3_ortho[2]     ? 
_reflns.pdbx_aniso_B_tensor_eigenvector_3_ortho[3]     ? 
_reflns.pdbx_aniso_B_tensor_eigenvalue_1               ? 
_reflns.pdbx_aniso_B_tensor_eigenvalue_2               ? 
_reflns.pdbx_aniso_B_tensor_eigenvalue_3               ? 
_reflns.pdbx_orthogonalization_convention              ? 
_reflns.pdbx_percent_possible_ellipsoidal              ? 
_reflns.pdbx_percent_possible_spherical                ? 
_reflns.pdbx_percent_possible_ellipsoidal_anomalous    ? 
_reflns.pdbx_percent_possible_spherical_anomalous      ? 
_reflns.pdbx_redundancy_anomalous                      ? 
_reflns.pdbx_CC_half_anomalous                         ? 
_reflns.pdbx_absDiff_over_sigma_anomalous              ? 
_reflns.pdbx_percent_possible_anomalous                ? 
_reflns.pdbx_observed_signal_threshold                 ? 
_reflns.pdbx_signal_type                               ? 
_reflns.pdbx_signal_details                            ? 
_reflns.pdbx_signal_software_id                        ? 
# 
loop_
_reflns_shell.d_res_high 
_reflns_shell.d_res_low 
_reflns_shell.meanI_over_sigI_all 
_reflns_shell.meanI_over_sigI_obs 
_reflns_shell.number_measured_all 
_reflns_shell.number_measured_obs 
_reflns_shell.number_possible 
_reflns_shell.number_unique_all 
_reflns_shell.number_unique_obs 
_reflns_shell.percent_possible_obs 
_reflns_shell.Rmerge_F_all 
_reflns_shell.Rmerge_F_obs 
_reflns_shell.meanI_over_sigI_gt 
_reflns_shell.meanI_over_uI_all 
_reflns_shell.meanI_over_uI_gt 
_reflns_shell.number_measured_gt 
_reflns_shell.number_unique_gt 
_reflns_shell.percent_possible_gt 
_reflns_shell.Rmerge_F_gt 
_reflns_shell.Rmerge_I_gt 
_reflns_shell.pdbx_redundancy 
_reflns_shell.pdbx_chi_squared 
_reflns_shell.pdbx_netI_over_sigmaI_all 
_reflns_shell.pdbx_netI_over_sigmaI_obs 
_reflns_shell.pdbx_Rrim_I_all 
_reflns_shell.pdbx_Rpim_I_all 
_reflns_shell.pdbx_rejects 
_reflns_shell.pdbx_ordinal 
_reflns_shell.pdbx_diffrn_id 
_reflns_shell.pdbx_CC_half 
_reflns_shell.pdbx_CC_star 
_reflns_shell.pdbx_R_split 
_reflns_shell.percent_possible_all 
_reflns_shell.Rmerge_I_all 
_reflns_shell.Rmerge_I_obs 
_reflns_shell.pdbx_Rsym_value 
_reflns_shell.pdbx_percent_possible_ellipsoidal 
_reflns_shell.pdbx_percent_possible_spherical 
_reflns_shell.pdbx_percent_possible_ellipsoidal_anomalous 
_reflns_shell.pdbx_percent_possible_spherical_anomalous 
_reflns_shell.pdbx_redundancy_anomalous 
_reflns_shell.pdbx_CC_half_anomalous 
_reflns_shell.pdbx_absDiff_over_sigma_anomalous 
_reflns_shell.pdbx_percent_possible_anomalous 
1.400 1.430  ? 7.070  ? 3121 942 ? 841 ? ? ? ? ? ? ? ? ? ? ? 3.711 ? ? ? 0.270 ? ? 1  1 0.950 ? ? 89.300 ? 0.231 ? ? ? ? ? ? ? ? ? 
1.430 1.470  ? 7.620  ? 3269 948 ? 884 ? ? ? ? ? ? ? ? ? ? ? 3.698 ? ? ? 0.247 ? ? 2  1 0.965 ? ? 93.200 ? 0.211 ? ? ? ? ? ? ? ? ? 
1.470 1.520  ? 8.210  ? 3038 897 ? 831 ? ? ? ? ? ? ? ? ? ? ? 3.656 ? ? ? 0.219 ? ? 3  1 0.959 ? ? 92.600 ? 0.187 ? ? ? ? ? ? ? ? ? 
1.520 1.560  ? 8.760  ? 2966 871 ? 823 ? ? ? ? ? ? ? ? ? ? ? 3.604 ? ? ? 0.196 ? ? 4  1 0.965 ? ? 94.500 ? 0.166 ? ? ? ? ? ? ? ? ? 
1.560 1.610  ? 9.900  ? 2792 863 ? 805 ? ? ? ? ? ? ? ? ? ? ? 3.468 ? ? ? 0.155 ? ? 5  1 0.984 ? ? 93.300 ? 0.131 ? ? ? ? ? ? ? ? ? 
1.610 1.670  ? 10.480 ? 2462 809 ? 749 ? ? ? ? ? ? ? ? ? ? ? 3.287 ? ? ? 0.126 ? ? 6  1 0.986 ? ? 92.600 ? 0.104 ? ? ? ? ? ? ? ? ? 
1.670 1.730  ? 12.190 ? 2790 815 ? 761 ? ? ? ? ? ? ? ? ? ? ? 3.666 ? ? ? 0.112 ? ? 7  1 0.990 ? ? 93.400 ? 0.095 ? ? ? ? ? ? ? ? ? 
1.730 1.800  ? 13.410 ? 2752 780 ? 737 ? ? ? ? ? ? ? ? ? ? ? 3.734 ? ? ? 0.104 ? ? 8  1 0.987 ? ? 94.500 ? 0.089 ? ? ? ? ? ? ? ? ? 
1.800 1.880  ? 13.800 ? 2512 713 ? 676 ? ? ? ? ? ? ? ? ? ? ? 3.716 ? ? ? 0.100 ? ? 9  1 0.988 ? ? 94.800 ? 0.086 ? ? ? ? ? ? ? ? ? 
1.880 1.980  ? 14.440 ? 2495 716 ? 682 ? ? ? ? ? ? ? ? ? ? ? 3.658 ? ? ? 0.092 ? ? 10 1 0.989 ? ? 95.300 ? 0.079 ? ? ? ? ? ? ? ? ? 
1.980 2.080  ? 14.930 ? 2254 666 ? 628 ? ? ? ? ? ? ? ? ? ? ? 3.589 ? ? ? 0.084 ? ? 11 1 0.992 ? ? 94.300 ? 0.071 ? ? ? ? ? ? ? ? ? 
2.080 2.210  ? 15.330 ? 2130 636 ? 608 ? ? ? ? ? ? ? ? ? ? ? 3.503 ? ? ? 0.082 ? ? 12 1 0.992 ? ? 95.600 ? 0.069 ? ? ? ? ? ? ? ? ? 
2.210 2.360  ? 15.080 ? 1814 608 ? 568 ? ? ? ? ? ? ? ? ? ? ? 3.194 ? ? ? 0.079 ? ? 13 1 0.988 ? ? 93.400 ? 0.065 ? ? ? ? ? ? ? ? ? 
2.360 2.550  ? 16.940 ? 1947 554 ? 533 ? ? ? ? ? ? ? ? ? ? ? 3.653 ? ? ? 0.074 ? ? 14 1 0.993 ? ? 96.200 ? 0.063 ? ? ? ? ? ? ? ? ? 
2.550 2.790  ? 17.370 ? 1813 512 ? 487 ? ? ? ? ? ? ? ? ? ? ? 3.723 ? ? ? 0.076 ? ? 15 1 0.990 ? ? 95.100 ? 0.065 ? ? ? ? ? ? ? ? ? 
2.790 3.120  ? 17.480 ? 1584 459 ? 441 ? ? ? ? ? ? ? ? ? ? ? 3.592 ? ? ? 0.084 ? ? 16 1 0.991 ? ? 96.100 ? 0.071 ? ? ? ? ? ? ? ? ? 
3.120 3.610  ? 17.990 ? 1389 414 ? 395 ? ? ? ? ? ? ? ? ? ? ? 3.516 ? ? ? 0.085 ? ? 17 1 0.989 ? ? 95.400 ? 0.072 ? ? ? ? ? ? ? ? ? 
3.610 4.420  ? 17.100 ? 987  331 ? 312 ? ? ? ? ? ? ? ? ? ? ? 3.163 ? ? ? 0.067 ? ? 18 1 0.993 ? ? 94.300 ? 0.055 ? ? ? ? ? ? ? ? ? 
4.420 6.250  ? 18.020 ? 891  266 ? 255 ? ? ? ? ? ? ? ? ? ? ? 3.494 ? ? ? 0.058 ? ? 19 1 0.997 ? ? 95.900 ? 0.049 ? ? ? ? ? ? ? ? ? 
6.250 25.150 ? 17.530 ? 495  153 ? 148 ? ? ? ? ? ? ? ? ? ? ? 3.345 ? ? ? 0.063 ? ? 20 1 0.994 ? ? 96.700 ? 0.053 ? ? ? ? ? ? ? ? ? 
# 
_refine.aniso_B[1][1]                            ? 
_refine.aniso_B[1][2]                            ? 
_refine.aniso_B[1][3]                            ? 
_refine.aniso_B[2][2]                            ? 
_refine.aniso_B[2][3]                            ? 
_refine.aniso_B[3][3]                            ? 
_refine.B_iso_max                                38.830 
_refine.B_iso_mean                               13.8460 
_refine.B_iso_min                                6.090 
_refine.correlation_coeff_Fo_to_Fc               ? 
_refine.correlation_coeff_Fo_to_Fc_free          ? 
_refine.details                                  ? 
_refine.diff_density_max                         ? 
_refine.diff_density_max_esd                     ? 
_refine.diff_density_min                         ? 
_refine.diff_density_min_esd                     ? 
_refine.diff_density_rms                         ? 
_refine.diff_density_rms_esd                     ? 
_refine.entry_id                                 8YNP 
_refine.pdbx_refine_id                           'X-RAY DIFFRACTION' 
_refine.ls_abs_structure_details                 ? 
_refine.ls_abs_structure_Flack                   ? 
_refine.ls_abs_structure_Flack_esd               ? 
_refine.ls_abs_structure_Rogers                  ? 
_refine.ls_abs_structure_Rogers_esd              ? 
_refine.ls_d_res_high                            1.4000 
_refine.ls_d_res_low                             25.1500 
_refine.ls_extinction_coef                       ? 
_refine.ls_extinction_coef_esd                   ? 
_refine.ls_extinction_expression                 ? 
_refine.ls_extinction_method                     ? 
_refine.ls_goodness_of_fit_all                   ? 
_refine.ls_goodness_of_fit_all_esd               ? 
_refine.ls_goodness_of_fit_obs                   ? 
_refine.ls_goodness_of_fit_obs_esd               ? 
_refine.ls_hydrogen_treatment                    ? 
_refine.ls_matrix_type                           ? 
_refine.ls_number_constraints                    ? 
_refine.ls_number_parameters                     ? 
_refine.ls_number_reflns_all                     ? 
_refine.ls_number_reflns_obs                     12149 
_refine.ls_number_reflns_R_free                  1216 
_refine.ls_number_reflns_R_work                  10933 
_refine.ls_number_restraints                     ? 
_refine.ls_percent_reflns_obs                    94.4500 
_refine.ls_percent_reflns_R_free                 10.0100 
_refine.ls_R_factor_all                          ? 
_refine.ls_R_factor_obs                          0.1537 
_refine.ls_R_factor_R_free                       0.1725 
_refine.ls_R_factor_R_free_error                 ? 
_refine.ls_R_factor_R_free_error_details         ? 
_refine.ls_R_factor_R_work                       0.1515 
_refine.ls_R_Fsqd_factor_obs                     ? 
_refine.ls_R_I_factor_obs                        ? 
_refine.ls_redundancy_reflns_all                 ? 
_refine.ls_redundancy_reflns_obs                 ? 
_refine.ls_restrained_S_all                      ? 
_refine.ls_restrained_S_obs                      ? 
_refine.ls_shift_over_esd_max                    ? 
_refine.ls_shift_over_esd_mean                   ? 
_refine.ls_structure_factor_coef                 ? 
_refine.ls_weighting_details                     ? 
_refine.ls_weighting_scheme                      ? 
_refine.ls_wR_factor_all                         ? 
_refine.ls_wR_factor_obs                         ? 
_refine.ls_wR_factor_R_free                      ? 
_refine.ls_wR_factor_R_work                      ? 
_refine.occupancy_max                            ? 
_refine.occupancy_min                            ? 
_refine.solvent_model_details                    'FLAT BULK SOLVENT MODEL' 
_refine.solvent_model_param_bsol                 ? 
_refine.solvent_model_param_ksol                 ? 
_refine.pdbx_R_complete                          ? 
_refine.ls_R_factor_gt                           ? 
_refine.ls_goodness_of_fit_gt                    ? 
_refine.ls_goodness_of_fit_ref                   ? 
_refine.ls_shift_over_su_max                     ? 
_refine.ls_shift_over_su_max_lt                  ? 
_refine.ls_shift_over_su_mean                    ? 
_refine.ls_shift_over_su_mean_lt                 ? 
_refine.pdbx_ls_sigma_I                          ? 
_refine.pdbx_ls_sigma_F                          2.080 
_refine.pdbx_ls_sigma_Fsqd                       ? 
_refine.pdbx_data_cutoff_high_absF               ? 
_refine.pdbx_data_cutoff_high_rms_absF           ? 
_refine.pdbx_data_cutoff_low_absF                ? 
_refine.pdbx_isotropic_thermal_model             ? 
_refine.pdbx_ls_cross_valid_method               THROUGHOUT 
_refine.pdbx_method_to_determine_struct          'MOLECULAR REPLACEMENT' 
_refine.pdbx_starting_model                      ? 
_refine.pdbx_stereochemistry_target_values       ML 
_refine.pdbx_R_Free_selection_details            ? 
_refine.pdbx_stereochem_target_val_spec_case     ? 
_refine.pdbx_overall_ESU_R                       ? 
_refine.pdbx_overall_ESU_R_Free                  ? 
_refine.pdbx_solvent_vdw_probe_radii             1.1100 
_refine.pdbx_solvent_ion_probe_radii             ? 
_refine.pdbx_solvent_shrinkage_radii             0.9000 
_refine.pdbx_real_space_R                        ? 
_refine.pdbx_density_correlation                 ? 
_refine.pdbx_pd_number_of_powder_patterns        ? 
_refine.pdbx_pd_number_of_points                 ? 
_refine.pdbx_pd_meas_number_of_points            ? 
_refine.pdbx_pd_proc_ls_prof_R_factor            ? 
_refine.pdbx_pd_proc_ls_prof_wR_factor           ? 
_refine.pdbx_pd_Marquardt_correlation_coeff      ? 
_refine.pdbx_pd_Fsqrd_R_factor                   ? 
_refine.pdbx_pd_ls_matrix_band_width             ? 
_refine.pdbx_overall_phase_error                 18.2000 
_refine.pdbx_overall_SU_R_free_Cruickshank_DPI   ? 
_refine.pdbx_overall_SU_R_free_Blow_DPI          ? 
_refine.pdbx_overall_SU_R_Blow_DPI               ? 
_refine.pdbx_TLS_residual_ADP_flag               ? 
_refine.pdbx_diffrn_id                           1 
_refine.overall_SU_B                             ? 
_refine.overall_SU_ML                            0.0900 
_refine.overall_SU_R_Cruickshank_DPI             ? 
_refine.overall_SU_R_free                        ? 
_refine.overall_FOM_free_R_set                   ? 
_refine.overall_FOM_work_R_set                   ? 
_refine.pdbx_average_fsc_overall                 ? 
_refine.pdbx_average_fsc_work                    ? 
_refine.pdbx_average_fsc_free                    ? 
# 
_refine_hist.pdbx_refine_id                   'X-RAY DIFFRACTION' 
_refine_hist.cycle_id                         final 
_refine_hist.details                          ? 
_refine_hist.d_res_high                       1.4000 
_refine_hist.d_res_low                        25.1500 
_refine_hist.number_atoms_solvent             170 
_refine_hist.number_atoms_total               684 
_refine_hist.number_reflns_all                ? 
_refine_hist.number_reflns_obs                ? 
_refine_hist.number_reflns_R_free             ? 
_refine_hist.number_reflns_R_work             ? 
_refine_hist.R_factor_all                     ? 
_refine_hist.R_factor_obs                     ? 
_refine_hist.R_factor_R_free                  ? 
_refine_hist.R_factor_R_work                  ? 
_refine_hist.pdbx_number_residues_total       24 
_refine_hist.pdbx_B_iso_mean_ligand           ? 
_refine_hist.pdbx_B_iso_mean_solvent          23.29 
_refine_hist.pdbx_number_atoms_protein        0 
_refine_hist.pdbx_number_atoms_nucleic_acid   514 
_refine_hist.pdbx_number_atoms_ligand         0 
_refine_hist.pdbx_number_atoms_lipid          ? 
_refine_hist.pdbx_number_atoms_carb           ? 
_refine_hist.pdbx_pseudo_atom_details         ? 
# 
loop_
_refine_ls_shell.pdbx_refine_id 
_refine_ls_shell.d_res_high 
_refine_ls_shell.d_res_low 
_refine_ls_shell.number_reflns_all 
_refine_ls_shell.number_reflns_obs 
_refine_ls_shell.number_reflns_R_free 
_refine_ls_shell.number_reflns_R_work 
_refine_ls_shell.percent_reflns_obs 
_refine_ls_shell.percent_reflns_R_free 
_refine_ls_shell.R_factor_all 
_refine_ls_shell.R_factor_obs 
_refine_ls_shell.R_factor_R_free_error 
_refine_ls_shell.R_factor_R_work 
_refine_ls_shell.redundancy_reflns_all 
_refine_ls_shell.redundancy_reflns_obs 
_refine_ls_shell.wR_factor_all 
_refine_ls_shell.wR_factor_obs 
_refine_ls_shell.wR_factor_R_free 
_refine_ls_shell.wR_factor_R_work 
_refine_ls_shell.pdbx_R_complete 
_refine_ls_shell.pdbx_total_number_of_bins_used 
_refine_ls_shell.pdbx_phase_error 
_refine_ls_shell.pdbx_fsc_work 
_refine_ls_shell.pdbx_fsc_free 
_refine_ls_shell.R_factor_R_free 
'X-RAY DIFFRACTION' 1.4000 1.4500  1261 . 126 1135 90.0000 . . . 0.0000 0.1757 . . . . . . . 9 . . . 0.2106 
'X-RAY DIFFRACTION' 1.4500 1.5200  1370 . 137 1233 94.0000 . . . 0.0000 0.1667 . . . . . . . 9 . . . 0.1974 
'X-RAY DIFFRACTION' 1.5200 1.6000  1341 . 134 1207 94.0000 . . . 0.0000 0.1569 . . . . . . . 9 . . . 0.2081 
'X-RAY DIFFRACTION' 1.6000 1.7000  1326 . 132 1194 93.0000 . . . 0.0000 0.1427 . . . . . . . 9 . . . 0.1805 
'X-RAY DIFFRACTION' 1.7000 1.8300  1358 . 136 1222 95.0000 . . . 0.0000 0.1453 . . . . . . . 9 . . . 0.1533 
'X-RAY DIFFRACTION' 1.8300 2.0100  1367 . 137 1230 96.0000 . . . 0.0000 0.1508 . . . . . . . 9 . . . 0.1698 
'X-RAY DIFFRACTION' 2.0100 2.3100  1364 . 137 1227 95.0000 . . . 0.0000 0.1600 . . . . . . . 9 . . . 0.1889 
'X-RAY DIFFRACTION' 2.3100 2.9000  1382 . 138 1244 97.0000 . . . 0.0000 0.1769 . . . . . . . 9 . . . 0.2017 
'X-RAY DIFFRACTION' 2.9100 25.1500 1380 . 139 1241 96.0000 . . . 0.0000 0.1325 . . . . . . . 9 . . . 0.1404 
# 
_struct.entry_id                     8YNP 
_struct.title                        'RNA duplex containing Methylformamide' 
_struct.pdbx_model_details           ? 
_struct.pdbx_formula_weight          ? 
_struct.pdbx_formula_weight_method   ? 
_struct.pdbx_model_type_details      ? 
_struct.pdbx_CASP_flag               N 
# 
_struct_keywords.entry_id        8YNP 
_struct_keywords.text            'Methylformamide, RNA' 
_struct_keywords.pdbx_keywords   RNA 
# 
loop_
_struct_asym.id 
_struct_asym.pdbx_blank_PDB_chainid_flag 
_struct_asym.pdbx_modified 
_struct_asym.entity_id 
_struct_asym.details 
A N N 1 ? 
B N N 1 ? 
C N N 2 ? 
D N N 2 ? 
# 
_struct_ref.id                         1 
_struct_ref.db_name                    PDB 
_struct_ref.db_code                    8YNP 
_struct_ref.pdbx_db_accession          8YNP 
_struct_ref.pdbx_db_isoform            ? 
_struct_ref.entity_id                  1 
_struct_ref.pdbx_seq_one_letter_code   ? 
_struct_ref.pdbx_align_begin           1 
# 
loop_
_struct_ref_seq.align_id 
_struct_ref_seq.ref_id 
_struct_ref_seq.pdbx_PDB_id_code 
_struct_ref_seq.pdbx_strand_id 
_struct_ref_seq.seq_align_beg 
_struct_ref_seq.pdbx_seq_align_beg_ins_code 
_struct_ref_seq.seq_align_end 
_struct_ref_seq.pdbx_seq_align_end_ins_code 
_struct_ref_seq.pdbx_db_accession 
_struct_ref_seq.db_align_beg 
_struct_ref_seq.pdbx_db_align_beg_ins_code 
_struct_ref_seq.db_align_end 
_struct_ref_seq.pdbx_db_align_end_ins_code 
_struct_ref_seq.pdbx_auth_seq_align_beg 
_struct_ref_seq.pdbx_auth_seq_align_end 
1 1 8YNP A 1 ? 12 ? 8YNP 1 ? 12 ? 1 12 
2 1 8YNP B 1 ? 12 ? 8YNP 1 ? 12 ? 1 12 
# 
_pdbx_struct_assembly.id                   1 
_pdbx_struct_assembly.details              author_and_software_defined_assembly 
_pdbx_struct_assembly.method_details       PISA 
_pdbx_struct_assembly.oligomeric_details   dimeric 
_pdbx_struct_assembly.oligomeric_count     2 
# 
loop_
_pdbx_struct_assembly_prop.biol_id 
_pdbx_struct_assembly_prop.type 
_pdbx_struct_assembly_prop.value 
_pdbx_struct_assembly_prop.details 
1 'ABSA (A^2)' 2310 ? 
1 MORE         4    ? 
1 'SSA (A^2)'  4350 ? 
# 
_pdbx_struct_assembly_gen.assembly_id       1 
_pdbx_struct_assembly_gen.oper_expression   1 
_pdbx_struct_assembly_gen.asym_id_list      A,B,C,D 
# 
_pdbx_struct_assembly_auth_evidence.id                     1 
_pdbx_struct_assembly_auth_evidence.assembly_id            1 
_pdbx_struct_assembly_auth_evidence.experimental_support   none 
_pdbx_struct_assembly_auth_evidence.details                ? 
# 
_pdbx_struct_oper_list.id                   1 
_pdbx_struct_oper_list.type                 'identity operation' 
_pdbx_struct_oper_list.name                 1_555 
_pdbx_struct_oper_list.symmetry_operation   x,y,z 
_pdbx_struct_oper_list.matrix[1][1]         1.0000000000 
_pdbx_struct_oper_list.matrix[1][2]         0.0000000000 
_pdbx_struct_oper_list.matrix[1][3]         0.0000000000 
_pdbx_struct_oper_list.vector[1]            0.0000000000 
_pdbx_struct_oper_list.matrix[2][1]         0.0000000000 
_pdbx_struct_oper_list.matrix[2][2]         1.0000000000 
_pdbx_struct_oper_list.matrix[2][3]         0.0000000000 
_pdbx_struct_oper_list.vector[2]            0.0000000000 
_pdbx_struct_oper_list.matrix[3][1]         0.0000000000 
_pdbx_struct_oper_list.matrix[3][2]         0.0000000000 
_pdbx_struct_oper_list.matrix[3][3]         1.0000000000 
_pdbx_struct_oper_list.vector[3]            0.0000000000 
# 
loop_
_struct_conn.id 
_struct_conn.conn_type_id 
_struct_conn.pdbx_leaving_atom_flag 
_struct_conn.pdbx_PDB_id 
_struct_conn.ptnr1_label_asym_id 
_struct_conn.ptnr1_label_comp_id 
_struct_conn.ptnr1_label_seq_id 
_struct_conn.ptnr1_label_atom_id 
_struct_conn.pdbx_ptnr1_label_alt_id 
_struct_conn.pdbx_ptnr1_PDB_ins_code 
_struct_conn.pdbx_ptnr1_standard_comp_id 
_struct_conn.ptnr1_symmetry 
_struct_conn.ptnr2_label_asym_id 
_struct_conn.ptnr2_label_comp_id 
_struct_conn.ptnr2_label_seq_id 
_struct_conn.ptnr2_label_atom_id 
_struct_conn.pdbx_ptnr2_label_alt_id 
_struct_conn.pdbx_ptnr2_PDB_ins_code 
_struct_conn.ptnr1_auth_asym_id 
_struct_conn.ptnr1_auth_comp_id 
_struct_conn.ptnr1_auth_seq_id 
_struct_conn.ptnr2_auth_asym_id 
_struct_conn.ptnr2_auth_comp_id 
_struct_conn.ptnr2_auth_seq_id 
_struct_conn.ptnr2_symmetry 
_struct_conn.pdbx_ptnr3_label_atom_id 
_struct_conn.pdbx_ptnr3_label_seq_id 
_struct_conn.pdbx_ptnr3_label_comp_id 
_struct_conn.pdbx_ptnr3_label_asym_id 
_struct_conn.pdbx_ptnr3_label_alt_id 
_struct_conn.pdbx_ptnr3_PDB_ins_code 
_struct_conn.details 
_struct_conn.pdbx_dist_value 
_struct_conn.pdbx_value_order 
_struct_conn.pdbx_role 
covale1  covale both ? A C   4  "O3'" ? ? ? 1_555 A 5BU 5  P  ? ? A C   4  A 5BU 5  1_555 ? ? ? ? ? ? ?            1.606 ? ? 
covale2  covale both ? A 5BU 5  "O3'" ? ? ? 1_555 A C   6  P  ? ? A 5BU 5  A C   6  1_555 ? ? ? ? ? ? ?            1.606 ? ? 
covale3  covale both ? A G   9  "O3'" ? ? ? 1_555 A HHX 10 P  ? ? A G   9  A HHX 10 1_555 ? ? ? ? ? ? ?            1.605 ? ? 
covale4  covale both ? A HHX 10 "O3'" ? ? ? 1_555 A C   11 P  ? ? A HHX 10 A C   11 1_555 ? ? ? ? ? ? ?            1.589 ? ? 
covale5  covale both ? B C   4  "O3'" ? ? ? 1_555 B 5BU 5  P  ? ? B C   4  B 5BU 5  1_555 ? ? ? ? ? ? ?            1.608 ? ? 
covale6  covale both ? B 5BU 5  "O3'" ? ? ? 1_555 B C   6  P  ? ? B 5BU 5  B C   6  1_555 ? ? ? ? ? ? ?            1.600 ? ? 
covale7  covale both ? B G   9  "O3'" ? ? ? 1_555 B HHX 10 P  ? ? B G   9  B HHX 10 1_555 ? ? ? ? ? ? ?            1.600 ? ? 
covale8  covale both ? B HHX 10 "O3'" ? ? ? 1_555 B C   11 P  ? ? B HHX 10 B C   11 1_555 ? ? ? ? ? ? ?            1.596 ? ? 
hydrog1  hydrog ?    ? A G   1  N1    ? ? ? 1_555 B C   12 N3 ? ? A G   1  B C   12 1_555 ? ? ? ? ? ? WATSON-CRICK ?     ? ? 
hydrog2  hydrog ?    ? A G   1  N2    ? ? ? 1_555 B C   12 O2 ? ? A G   1  B C   12 1_555 ? ? ? ? ? ? WATSON-CRICK ?     ? ? 
hydrog3  hydrog ?    ? A G   1  O6    ? ? ? 1_555 B C   12 N4 ? ? A G   1  B C   12 1_555 ? ? ? ? ? ? WATSON-CRICK ?     ? ? 
hydrog4  hydrog ?    ? A G   2  N1    ? ? ? 1_555 B C   11 N3 ? ? A G   2  B C   11 1_555 ? ? ? ? ? ? WATSON-CRICK ?     ? ? 
hydrog5  hydrog ?    ? A G   2  N2    ? ? ? 1_555 B C   11 O2 ? ? A G   2  B C   11 1_555 ? ? ? ? ? ? WATSON-CRICK ?     ? ? 
hydrog6  hydrog ?    ? A G   2  O6    ? ? ? 1_555 B C   11 N4 ? ? A G   2  B C   11 1_555 ? ? ? ? ? ? WATSON-CRICK ?     ? ? 
hydrog7  hydrog ?    ? A C   4  N3    ? ? ? 1_555 B G   9  N1 ? ? A C   4  B G   9  1_555 ? ? ? ? ? ? WATSON-CRICK ?     ? ? 
hydrog8  hydrog ?    ? A C   4  N4    ? ? ? 1_555 B G   9  O6 ? ? A C   4  B G   9  1_555 ? ? ? ? ? ? WATSON-CRICK ?     ? ? 
hydrog9  hydrog ?    ? A C   4  O2    ? ? ? 1_555 B G   9  N2 ? ? A C   4  B G   9  1_555 ? ? ? ? ? ? WATSON-CRICK ?     ? ? 
hydrog10 hydrog ?    ? A 5BU 5  N3    ? ? ? 1_555 B A   8  N1 ? ? A 5BU 5  B A   8  1_555 ? ? ? ? ? ? WATSON-CRICK ?     ? ? 
hydrog11 hydrog ?    ? A 5BU 5  O4    ? ? ? 1_555 B A   8  N6 ? ? A 5BU 5  B A   8  1_555 ? ? ? ? ? ? WATSON-CRICK ?     ? ? 
hydrog12 hydrog ?    ? A C   6  N3    ? ? ? 1_555 B G   7  N1 ? ? A C   6  B G   7  1_555 ? ? ? ? ? ? WATSON-CRICK ?     ? ? 
hydrog13 hydrog ?    ? A C   6  N4    ? ? ? 1_555 B G   7  O6 ? ? A C   6  B G   7  1_555 ? ? ? ? ? ? WATSON-CRICK ?     ? ? 
hydrog14 hydrog ?    ? A C   6  O2    ? ? ? 1_555 B G   7  N2 ? ? A C   6  B G   7  1_555 ? ? ? ? ? ? WATSON-CRICK ?     ? ? 
hydrog15 hydrog ?    ? A G   7  N1    ? ? ? 1_555 B C   6  N3 ? ? A G   7  B C   6  1_555 ? ? ? ? ? ? WATSON-CRICK ?     ? ? 
hydrog16 hydrog ?    ? A G   7  N2    ? ? ? 1_555 B C   6  O2 ? ? A G   7  B C   6  1_555 ? ? ? ? ? ? WATSON-CRICK ?     ? ? 
hydrog17 hydrog ?    ? A G   7  O6    ? ? ? 1_555 B C   6  N4 ? ? A G   7  B C   6  1_555 ? ? ? ? ? ? WATSON-CRICK ?     ? ? 
hydrog18 hydrog ?    ? A A   8  N1    ? ? ? 1_555 B 5BU 5  N3 ? ? A A   8  B 5BU 5  1_555 ? ? ? ? ? ? WATSON-CRICK ?     ? ? 
hydrog19 hydrog ?    ? A A   8  N6    ? ? ? 1_555 B 5BU 5  O4 ? ? A A   8  B 5BU 5  1_555 ? ? ? ? ? ? WATSON-CRICK ?     ? ? 
hydrog20 hydrog ?    ? A G   9  N1    ? ? ? 1_555 B C   4  N3 ? ? A G   9  B C   4  1_555 ? ? ? ? ? ? WATSON-CRICK ?     ? ? 
hydrog21 hydrog ?    ? A G   9  N2    ? ? ? 1_555 B C   4  O2 ? ? A G   9  B C   4  1_555 ? ? ? ? ? ? WATSON-CRICK ?     ? ? 
hydrog22 hydrog ?    ? A G   9  O6    ? ? ? 1_555 B C   4  N4 ? ? A G   9  B C   4  1_555 ? ? ? ? ? ? WATSON-CRICK ?     ? ? 
hydrog23 hydrog ?    ? A C   11 N3    ? ? ? 1_555 B G   2  N1 ? ? A C   11 B G   2  1_555 ? ? ? ? ? ? WATSON-CRICK ?     ? ? 
hydrog24 hydrog ?    ? A C   11 N4    ? ? ? 1_555 B G   2  O6 ? ? A C   11 B G   2  1_555 ? ? ? ? ? ? WATSON-CRICK ?     ? ? 
hydrog25 hydrog ?    ? A C   11 O2    ? ? ? 1_555 B G   2  N2 ? ? A C   11 B G   2  1_555 ? ? ? ? ? ? WATSON-CRICK ?     ? ? 
hydrog26 hydrog ?    ? A C   12 N3    ? ? ? 1_555 B G   1  N1 ? ? A C   12 B G   1  1_555 ? ? ? ? ? ? WATSON-CRICK ?     ? ? 
hydrog27 hydrog ?    ? A C   12 N4    ? ? ? 1_555 B G   1  O6 ? ? A C   12 B G   1  1_555 ? ? ? ? ? ? WATSON-CRICK ?     ? ? 
hydrog28 hydrog ?    ? A C   12 O2    ? ? ? 1_555 B G   1  N2 ? ? A C   12 B G   1  1_555 ? ? ? ? ? ? WATSON-CRICK ?     ? ? 
# 
loop_
_struct_conn_type.id 
_struct_conn_type.criteria 
_struct_conn_type.reference 
covale ? ? 
hydrog ? ? 
# 
_pdbx_entry_details.entry_id                   8YNP 
_pdbx_entry_details.nonpolymer_details         ? 
_pdbx_entry_details.sequence_details           ? 
_pdbx_entry_details.compound_details           ? 
_pdbx_entry_details.source_details             ? 
_pdbx_entry_details.has_ligand_of_interest     Y 
_pdbx_entry_details.has_protein_modification   N 
# 
loop_
_chem_comp_atom.comp_id 
_chem_comp_atom.atom_id 
_chem_comp_atom.type_symbol 
_chem_comp_atom.pdbx_aromatic_flag 
_chem_comp_atom.pdbx_stereo_config 
_chem_comp_atom.pdbx_ordinal 
5BU P      P  N N 1   
5BU OP1    O  N N 2   
5BU OP2    O  N N 3   
5BU OP3    O  N N 4   
5BU "O5'"  O  N N 5   
5BU "C5'"  C  N N 6   
5BU "C4'"  C  N R 7   
5BU "O4'"  O  N N 8   
5BU "C3'"  C  N S 9   
5BU "O3'"  O  N N 10  
5BU "C2'"  C  N R 11  
5BU "O2'"  O  N N 12  
5BU "C1'"  C  N R 13  
5BU N1     N  N N 14  
5BU C2     C  N N 15  
5BU O2     O  N N 16  
5BU N3     N  N N 17  
5BU C4     C  N N 18  
5BU O4     O  N N 19  
5BU C5     C  N N 20  
5BU C6     C  N N 21  
5BU BR     BR N N 22  
5BU HOP2   H  N N 23  
5BU HOP3   H  N N 24  
5BU "H5'"  H  N N 25  
5BU "H5''" H  N N 26  
5BU "H4'"  H  N N 27  
5BU "H3'"  H  N N 28  
5BU "HO3'" H  N N 29  
5BU "H2'"  H  N N 30  
5BU "HO2'" H  N N 31  
5BU "H1'"  H  N N 32  
5BU H3     H  N N 33  
5BU H6     H  N N 34  
A   OP3    O  N N 35  
A   P      P  N N 36  
A   OP1    O  N N 37  
A   OP2    O  N N 38  
A   "O5'"  O  N N 39  
A   "C5'"  C  N N 40  
A   "C4'"  C  N R 41  
A   "O4'"  O  N N 42  
A   "C3'"  C  N S 43  
A   "O3'"  O  N N 44  
A   "C2'"  C  N R 45  
A   "O2'"  O  N N 46  
A   "C1'"  C  N R 47  
A   N9     N  Y N 48  
A   C8     C  Y N 49  
A   N7     N  Y N 50  
A   C5     C  Y N 51  
A   C6     C  Y N 52  
A   N6     N  N N 53  
A   N1     N  Y N 54  
A   C2     C  Y N 55  
A   N3     N  Y N 56  
A   C4     C  Y N 57  
A   HOP3   H  N N 58  
A   HOP2   H  N N 59  
A   "H5'"  H  N N 60  
A   "H5''" H  N N 61  
A   "H4'"  H  N N 62  
A   "H3'"  H  N N 63  
A   "HO3'" H  N N 64  
A   "H2'"  H  N N 65  
A   "HO2'" H  N N 66  
A   "H1'"  H  N N 67  
A   H8     H  N N 68  
A   H61    H  N N 69  
A   H62    H  N N 70  
A   H2     H  N N 71  
C   OP3    O  N N 72  
C   P      P  N N 73  
C   OP1    O  N N 74  
C   OP2    O  N N 75  
C   "O5'"  O  N N 76  
C   "C5'"  C  N N 77  
C   "C4'"  C  N R 78  
C   "O4'"  O  N N 79  
C   "C3'"  C  N S 80  
C   "O3'"  O  N N 81  
C   "C2'"  C  N R 82  
C   "O2'"  O  N N 83  
C   "C1'"  C  N R 84  
C   N1     N  N N 85  
C   C2     C  N N 86  
C   O2     O  N N 87  
C   N3     N  N N 88  
C   C4     C  N N 89  
C   N4     N  N N 90  
C   C5     C  N N 91  
C   C6     C  N N 92  
C   HOP3   H  N N 93  
C   HOP2   H  N N 94  
C   "H5'"  H  N N 95  
C   "H5''" H  N N 96  
C   "H4'"  H  N N 97  
C   "H3'"  H  N N 98  
C   "HO3'" H  N N 99  
C   "H2'"  H  N N 100 
C   "HO2'" H  N N 101 
C   "H1'"  H  N N 102 
C   H41    H  N N 103 
C   H42    H  N N 104 
C   H5     H  N N 105 
C   H6     H  N N 106 
G   OP3    O  N N 107 
G   P      P  N N 108 
G   OP1    O  N N 109 
G   OP2    O  N N 110 
G   "O5'"  O  N N 111 
G   "C5'"  C  N N 112 
G   "C4'"  C  N R 113 
G   "O4'"  O  N N 114 
G   "C3'"  C  N S 115 
G   "O3'"  O  N N 116 
G   "C2'"  C  N R 117 
G   "O2'"  O  N N 118 
G   "C1'"  C  N R 119 
G   N9     N  Y N 120 
G   C8     C  Y N 121 
G   N7     N  Y N 122 
G   C5     C  Y N 123 
G   C6     C  N N 124 
G   O6     O  N N 125 
G   N1     N  N N 126 
G   C2     C  N N 127 
G   N2     N  N N 128 
G   N3     N  N N 129 
G   C4     C  Y N 130 
G   HOP3   H  N N 131 
G   HOP2   H  N N 132 
G   "H5'"  H  N N 133 
G   "H5''" H  N N 134 
G   "H4'"  H  N N 135 
G   "H3'"  H  N N 136 
G   "HO3'" H  N N 137 
G   "H2'"  H  N N 138 
G   "HO2'" H  N N 139 
G   "H1'"  H  N N 140 
G   H8     H  N N 141 
G   H1     H  N N 142 
G   H21    H  N N 143 
G   H22    H  N N 144 
HHX "C1'"  C  N R 145 
HHX C2     C  N N 146 
HHX "C2'"  C  N R 147 
HHX "C3'"  C  N S 148 
HHX C4     C  N N 149 
HHX "C4'"  C  N R 150 
HHX C5     C  N N 151 
HHX "C5'"  C  N N 152 
HHX C6     C  N N 153 
HHX "C6'"  C  N N 154 
HHX "C7'"  C  N N 155 
HHX N1     N  N N 156 
HHX "N2'"  N  N N 157 
HHX N3     N  N N 158 
HHX O2     O  N N 159 
HHX "O3'"  O  N N 160 
HHX O4     O  N N 161 
HHX "O4'"  O  N N 162 
HHX "O5'"  O  N N 163 
HHX "O6'"  O  N N 164 
HHX OP1    O  N N 165 
HHX OP2    O  N N 166 
HHX P      P  N N 167 
HHX H1     H  N N 168 
HHX H2     H  N N 169 
HHX H3     H  N N 170 
HHX H4     H  N N 171 
HHX H5     H  N N 172 
HHX H6     H  N N 173 
HHX H7     H  N N 174 
HHX H8     H  N N 175 
HHX H9     H  N N 176 
HHX H10    H  N N 177 
HHX H11    H  N N 178 
HHX H12    H  N N 179 
HHX H13    H  N N 180 
HHX "HO3'" H  N N 181 
HHX HOP2   H  N N 182 
HHX OP3    O  N N 183 
HHX HOP3   H  N N 184 
HOH O      O  N N 185 
HOH H1     H  N N 186 
HOH H2     H  N N 187 
# 
loop_
_chem_comp_bond.comp_id 
_chem_comp_bond.atom_id_1 
_chem_comp_bond.atom_id_2 
_chem_comp_bond.value_order 
_chem_comp_bond.pdbx_aromatic_flag 
_chem_comp_bond.pdbx_stereo_config 
_chem_comp_bond.pdbx_ordinal 
5BU P     OP1    doub N N 1   
5BU P     OP2    sing N N 2   
5BU P     OP3    sing N N 3   
5BU P     "O5'"  sing N N 4   
5BU OP2   HOP2   sing N N 5   
5BU OP3   HOP3   sing N N 6   
5BU "O5'" "C5'"  sing N N 7   
5BU "C5'" "C4'"  sing N N 8   
5BU "C5'" "H5'"  sing N N 9   
5BU "C5'" "H5''" sing N N 10  
5BU "C4'" "O4'"  sing N N 11  
5BU "C4'" "C3'"  sing N N 12  
5BU "C4'" "H4'"  sing N N 13  
5BU "O4'" "C1'"  sing N N 14  
5BU "C3'" "O3'"  sing N N 15  
5BU "C3'" "C2'"  sing N N 16  
5BU "C3'" "H3'"  sing N N 17  
5BU "O3'" "HO3'" sing N N 18  
5BU "C2'" "O2'"  sing N N 19  
5BU "C2'" "C1'"  sing N N 20  
5BU "C2'" "H2'"  sing N N 21  
5BU "O2'" "HO2'" sing N N 22  
5BU "C1'" N1     sing N N 23  
5BU "C1'" "H1'"  sing N N 24  
5BU N1    C2     sing N N 25  
5BU N1    C6     sing N N 26  
5BU C2    O2     doub N N 27  
5BU C2    N3     sing N N 28  
5BU N3    C4     sing N N 29  
5BU N3    H3     sing N N 30  
5BU C4    O4     doub N N 31  
5BU C4    C5     sing N N 32  
5BU C5    C6     doub N N 33  
5BU C5    BR     sing N N 34  
5BU C6    H6     sing N N 35  
A   OP3   P      sing N N 36  
A   OP3   HOP3   sing N N 37  
A   P     OP1    doub N N 38  
A   P     OP2    sing N N 39  
A   P     "O5'"  sing N N 40  
A   OP2   HOP2   sing N N 41  
A   "O5'" "C5'"  sing N N 42  
A   "C5'" "C4'"  sing N N 43  
A   "C5'" "H5'"  sing N N 44  
A   "C5'" "H5''" sing N N 45  
A   "C4'" "O4'"  sing N N 46  
A   "C4'" "C3'"  sing N N 47  
A   "C4'" "H4'"  sing N N 48  
A   "O4'" "C1'"  sing N N 49  
A   "C3'" "O3'"  sing N N 50  
A   "C3'" "C2'"  sing N N 51  
A   "C3'" "H3'"  sing N N 52  
A   "O3'" "HO3'" sing N N 53  
A   "C2'" "O2'"  sing N N 54  
A   "C2'" "C1'"  sing N N 55  
A   "C2'" "H2'"  sing N N 56  
A   "O2'" "HO2'" sing N N 57  
A   "C1'" N9     sing N N 58  
A   "C1'" "H1'"  sing N N 59  
A   N9    C8     sing Y N 60  
A   N9    C4     sing Y N 61  
A   C8    N7     doub Y N 62  
A   C8    H8     sing N N 63  
A   N7    C5     sing Y N 64  
A   C5    C6     sing Y N 65  
A   C5    C4     doub Y N 66  
A   C6    N6     sing N N 67  
A   C6    N1     doub Y N 68  
A   N6    H61    sing N N 69  
A   N6    H62    sing N N 70  
A   N1    C2     sing Y N 71  
A   C2    N3     doub Y N 72  
A   C2    H2     sing N N 73  
A   N3    C4     sing Y N 74  
C   OP3   P      sing N N 75  
C   OP3   HOP3   sing N N 76  
C   P     OP1    doub N N 77  
C   P     OP2    sing N N 78  
C   P     "O5'"  sing N N 79  
C   OP2   HOP2   sing N N 80  
C   "O5'" "C5'"  sing N N 81  
C   "C5'" "C4'"  sing N N 82  
C   "C5'" "H5'"  sing N N 83  
C   "C5'" "H5''" sing N N 84  
C   "C4'" "O4'"  sing N N 85  
C   "C4'" "C3'"  sing N N 86  
C   "C4'" "H4'"  sing N N 87  
C   "O4'" "C1'"  sing N N 88  
C   "C3'" "O3'"  sing N N 89  
C   "C3'" "C2'"  sing N N 90  
C   "C3'" "H3'"  sing N N 91  
C   "O3'" "HO3'" sing N N 92  
C   "C2'" "O2'"  sing N N 93  
C   "C2'" "C1'"  sing N N 94  
C   "C2'" "H2'"  sing N N 95  
C   "O2'" "HO2'" sing N N 96  
C   "C1'" N1     sing N N 97  
C   "C1'" "H1'"  sing N N 98  
C   N1    C2     sing N N 99  
C   N1    C6     sing N N 100 
C   C2    O2     doub N N 101 
C   C2    N3     sing N N 102 
C   N3    C4     doub N N 103 
C   C4    N4     sing N N 104 
C   C4    C5     sing N N 105 
C   N4    H41    sing N N 106 
C   N4    H42    sing N N 107 
C   C5    C6     doub N N 108 
C   C5    H5     sing N N 109 
C   C6    H6     sing N N 110 
G   OP3   P      sing N N 111 
G   OP3   HOP3   sing N N 112 
G   P     OP1    doub N N 113 
G   P     OP2    sing N N 114 
G   P     "O5'"  sing N N 115 
G   OP2   HOP2   sing N N 116 
G   "O5'" "C5'"  sing N N 117 
G   "C5'" "C4'"  sing N N 118 
G   "C5'" "H5'"  sing N N 119 
G   "C5'" "H5''" sing N N 120 
G   "C4'" "O4'"  sing N N 121 
G   "C4'" "C3'"  sing N N 122 
G   "C4'" "H4'"  sing N N 123 
G   "O4'" "C1'"  sing N N 124 
G   "C3'" "O3'"  sing N N 125 
G   "C3'" "C2'"  sing N N 126 
G   "C3'" "H3'"  sing N N 127 
G   "O3'" "HO3'" sing N N 128 
G   "C2'" "O2'"  sing N N 129 
G   "C2'" "C1'"  sing N N 130 
G   "C2'" "H2'"  sing N N 131 
G   "O2'" "HO2'" sing N N 132 
G   "C1'" N9     sing N N 133 
G   "C1'" "H1'"  sing N N 134 
G   N9    C8     sing Y N 135 
G   N9    C4     sing Y N 136 
G   C8    N7     doub Y N 137 
G   C8    H8     sing N N 138 
G   N7    C5     sing Y N 139 
G   C5    C6     sing N N 140 
G   C5    C4     doub Y N 141 
G   C6    O6     doub N N 142 
G   C6    N1     sing N N 143 
G   N1    C2     sing N N 144 
G   N1    H1     sing N N 145 
G   C2    N2     sing N N 146 
G   C2    N3     doub N N 147 
G   N2    H21    sing N N 148 
G   N2    H22    sing N N 149 
G   N3    C4     sing N N 150 
HHX "O3'" "C3'"  sing N N 151 
HHX "O6'" "C7'"  doub N N 152 
HHX "C7'" "N2'"  sing N N 153 
HHX "C3'" "C2'"  sing N N 154 
HHX "C3'" "C4'"  sing N N 155 
HHX "N2'" "C6'"  sing N N 156 
HHX "N2'" "C2'"  sing N N 157 
HHX "C2'" "C1'"  sing N N 158 
HHX "C4'" "C5'"  sing N N 159 
HHX "C4'" "O4'"  sing N N 160 
HHX "C5'" "O5'"  sing N N 161 
HHX OP1   P      doub N N 162 
HHX "O5'" P      sing N N 163 
HHX "C1'" "O4'"  sing N N 164 
HHX "C1'" N1     sing N N 165 
HHX P     OP2    sing N N 166 
HHX O2    C2     doub N N 167 
HHX N1    C2     sing N N 168 
HHX N1    C6     sing N N 169 
HHX C2    N3     sing N N 170 
HHX C6    C5     doub N N 171 
HHX N3    C4     sing N N 172 
HHX C5    C4     sing N N 173 
HHX C4    O4     doub N N 174 
HHX "C1'" H1     sing N N 175 
HHX "C2'" H2     sing N N 176 
HHX "C3'" H3     sing N N 177 
HHX "C4'" H4     sing N N 178 
HHX C5    H5     sing N N 179 
HHX "C5'" H6     sing N N 180 
HHX "C5'" H7     sing N N 181 
HHX C6    H8     sing N N 182 
HHX "C6'" H9     sing N N 183 
HHX "C6'" H10    sing N N 184 
HHX "C6'" H11    sing N N 185 
HHX "C7'" H12    sing N N 186 
HHX N3    H13    sing N N 187 
HHX "O3'" "HO3'" sing N N 188 
HHX OP2   HOP2   sing N N 189 
HHX P     OP3    sing N N 190 
HHX OP3   HOP3   sing N N 191 
HOH O     H1     sing N N 192 
HOH O     H2     sing N N 193 
# 
loop_
_ndb_struct_conf_na.entry_id 
_ndb_struct_conf_na.feature 
8YNP 'double helix'        
8YNP 'a-form double helix' 
# 
loop_
_ndb_struct_na_base_pair.model_number 
_ndb_struct_na_base_pair.i_label_asym_id 
_ndb_struct_na_base_pair.i_label_comp_id 
_ndb_struct_na_base_pair.i_label_seq_id 
_ndb_struct_na_base_pair.i_symmetry 
_ndb_struct_na_base_pair.j_label_asym_id 
_ndb_struct_na_base_pair.j_label_comp_id 
_ndb_struct_na_base_pair.j_label_seq_id 
_ndb_struct_na_base_pair.j_symmetry 
_ndb_struct_na_base_pair.shear 
_ndb_struct_na_base_pair.stretch 
_ndb_struct_na_base_pair.stagger 
_ndb_struct_na_base_pair.buckle 
_ndb_struct_na_base_pair.propeller 
_ndb_struct_na_base_pair.opening 
_ndb_struct_na_base_pair.pair_number 
_ndb_struct_na_base_pair.pair_name 
_ndb_struct_na_base_pair.i_auth_asym_id 
_ndb_struct_na_base_pair.i_auth_seq_id 
_ndb_struct_na_base_pair.i_PDB_ins_code 
_ndb_struct_na_base_pair.j_auth_asym_id 
_ndb_struct_na_base_pair.j_auth_seq_id 
_ndb_struct_na_base_pair.j_PDB_ins_code 
_ndb_struct_na_base_pair.hbond_type_28 
_ndb_struct_na_base_pair.hbond_type_12 
1 A G   1  1_555 B C   12 1_555 -0.223 -0.147 0.019  2.212  -6.952  -1.430 1  A_G1:C12_B  A 1  ? B 12 ? 19 1 
1 A G   2  1_555 B C   11 1_555 -0.170 -0.177 -0.014 -7.274 -16.603 2.188  2  A_G2:C11_B  A 2  ? B 11 ? 19 1 
1 A C   4  1_555 B G   9  1_555 0.232  -0.153 0.121  1.889  -8.498  -0.891 3  A_C4:G9_B   A 4  ? B 9  ? 19 1 
1 A 5BU 5  1_555 B A   8  1_555 -0.082 -0.190 -0.166 9.619  -8.499  0.351  4  A_5BU5:A8_B A 5  ? B 8  ? 20 1 
1 A C   6  1_555 B G   7  1_555 0.148  -0.106 -0.087 8.877  -15.672 1.173  5  A_C6:G7_B   A 6  ? B 7  ? 19 1 
1 A G   7  1_555 B C   6  1_555 -0.191 -0.116 -0.217 -6.466 -9.747  0.202  6  A_G7:C6_B   A 7  ? B 6  ? 19 1 
1 A A   8  1_555 B 5BU 5  1_555 0.093  -0.146 -0.153 -7.102 -11.668 -2.533 7  A_A8:5BU5_B A 8  ? B 5  ? 20 1 
1 A G   9  1_555 B C   4  1_555 -0.150 -0.110 -0.009 -6.494 -9.480  1.709  8  A_G9:C4_B   A 9  ? B 4  ? 19 1 
1 A C   11 1_555 B G   2  1_555 0.340  -0.130 -0.082 6.784  -14.018 2.539  9  A_C11:G2_B  A 11 ? B 2  ? 19 1 
1 A C   12 1_555 B G   1  1_555 0.154  -0.110 0.031  1.517  -3.633  -2.046 10 A_C12:G1_B  A 12 ? B 1  ? 19 1 
# 
loop_
_ndb_struct_na_base_pair_step.model_number 
_ndb_struct_na_base_pair_step.i_label_asym_id_1 
_ndb_struct_na_base_pair_step.i_label_comp_id_1 
_ndb_struct_na_base_pair_step.i_label_seq_id_1 
_ndb_struct_na_base_pair_step.i_symmetry_1 
_ndb_struct_na_base_pair_step.j_label_asym_id_1 
_ndb_struct_na_base_pair_step.j_label_comp_id_1 
_ndb_struct_na_base_pair_step.j_label_seq_id_1 
_ndb_struct_na_base_pair_step.j_symmetry_1 
_ndb_struct_na_base_pair_step.i_label_asym_id_2 
_ndb_struct_na_base_pair_step.i_label_comp_id_2 
_ndb_struct_na_base_pair_step.i_label_seq_id_2 
_ndb_struct_na_base_pair_step.i_symmetry_2 
_ndb_struct_na_base_pair_step.j_label_asym_id_2 
_ndb_struct_na_base_pair_step.j_label_comp_id_2 
_ndb_struct_na_base_pair_step.j_label_seq_id_2 
_ndb_struct_na_base_pair_step.j_symmetry_2 
_ndb_struct_na_base_pair_step.shift 
_ndb_struct_na_base_pair_step.slide 
_ndb_struct_na_base_pair_step.rise 
_ndb_struct_na_base_pair_step.tilt 
_ndb_struct_na_base_pair_step.roll 
_ndb_struct_na_base_pair_step.twist 
_ndb_struct_na_base_pair_step.x_displacement 
_ndb_struct_na_base_pair_step.y_displacement 
_ndb_struct_na_base_pair_step.helical_rise 
_ndb_struct_na_base_pair_step.inclination 
_ndb_struct_na_base_pair_step.tip 
_ndb_struct_na_base_pair_step.helical_twist 
_ndb_struct_na_base_pair_step.step_number 
_ndb_struct_na_base_pair_step.step_name 
_ndb_struct_na_base_pair_step.i_auth_asym_id_1 
_ndb_struct_na_base_pair_step.i_auth_seq_id_1 
_ndb_struct_na_base_pair_step.i_PDB_ins_code_1 
_ndb_struct_na_base_pair_step.j_auth_asym_id_1 
_ndb_struct_na_base_pair_step.j_auth_seq_id_1 
_ndb_struct_na_base_pair_step.j_PDB_ins_code_1 
_ndb_struct_na_base_pair_step.i_auth_asym_id_2 
_ndb_struct_na_base_pair_step.i_auth_seq_id_2 
_ndb_struct_na_base_pair_step.i_PDB_ins_code_2 
_ndb_struct_na_base_pair_step.j_auth_asym_id_2 
_ndb_struct_na_base_pair_step.j_auth_seq_id_2 
_ndb_struct_na_base_pair_step.j_PDB_ins_code_2 
1 A G   1  1_555 B C   12 1_555 A G   2  1_555 B C   11 1_555 0.347  -2.177 3.397 0.285  8.709  34.024 -4.862 -0.534 2.775 14.589 
-0.477 35.090 1 AA_G1G2:C11C12_BB A 1  ? B 12 ? A 2  ? B 11 ? 
1 A G   2  1_555 B C   11 1_555 A C   4  1_555 B G   9  1_555 -0.488 -2.759 6.135 -0.919 8.590  61.993 -3.369 0.394  5.752 8.297  
0.888  62.532 2 AA_G2C4:G9C11_BB  A 2  ? B 11 ? A 4  ? B 9  ? 
1 A C   4  1_555 B G   9  1_555 A 5BU 5  1_555 B A   8  1_555 -1.201 -2.161 3.055 -0.997 6.012  23.354 -6.823 2.600  2.477 14.536 
2.411  24.125 3 AA_C45BU5:A8G9_BB A 4  ? B 9  ? A 5  ? B 8  ? 
1 A 5BU 5  1_555 B A   8  1_555 A C   6  1_555 B G   7  1_555 0.563  -1.485 3.220 -0.109 8.939  34.827 -3.595 -0.927 2.766 14.638 
0.179  35.922 4 AA_5BU5C6:G7A8_BB A 5  ? B 8  ? A 6  ? B 7  ? 
1 A C   6  1_555 B G   7  1_555 A G   7  1_555 B C   6  1_555 -0.493 -1.801 3.514 0.255  14.179 32.315 -5.014 0.852  2.523 24.080 
-0.432 35.214 5 AA_C6G7:C6G7_BB   A 6  ? B 7  ? A 7  ? B 6  ? 
1 A G   7  1_555 B C   6  1_555 A A   8  1_555 B 5BU 5  1_555 -0.114 -1.426 3.289 -0.008 5.280  31.914 -3.467 0.203  3.020 9.521  
0.014  32.336 6 AA_G7A8:5BU5C6_BB A 7  ? B 6  ? A 8  ? B 5  ? 
1 A A   8  1_555 B 5BU 5  1_555 A G   9  1_555 B C   4  1_555 0.866  -2.123 3.244 1.386  5.305  29.421 -5.147 -1.407 2.863 10.332 
-2.700 29.917 7 AA_A8G9:C45BU5_BB A 8  ? B 5  ? A 9  ? B 4  ? 
1 A G   9  1_555 B C   4  1_555 A C   11 1_555 B G   2  1_555 0.132  -2.896 6.032 -0.603 12.968 60.033 -3.922 -0.179 5.363 12.800 
0.595  61.293 8 AA_G9C11:G2C4_BB  A 9  ? B 4  ? A 11 ? B 2  ? 
1 A C   11 1_555 B G   2  1_555 A C   12 1_555 B G   1  1_555 -0.693 -2.035 3.325 -1.323 9.068  33.277 -4.758 0.976  2.718 15.472 
2.257  34.481 9 AA_C11C12:G1G2_BB A 11 ? B 2  ? A 12 ? B 1  ? 
# 
_pdbx_audit_support.funding_organization   'Japan Science and Technology' 
_pdbx_audit_support.country                Japan 
_pdbx_audit_support.grant_number           JPMJCR18S1 
_pdbx_audit_support.ordinal                1 
# 
_atom_sites.entry_id                    8YNP 
_atom_sites.Cartn_transf_matrix[1][1]   ? 
_atom_sites.Cartn_transf_matrix[1][2]   ? 
_atom_sites.Cartn_transf_matrix[1][3]   ? 
_atom_sites.Cartn_transf_matrix[2][1]   ? 
_atom_sites.Cartn_transf_matrix[2][2]   ? 
_atom_sites.Cartn_transf_matrix[2][3]   ? 
_atom_sites.Cartn_transf_matrix[3][1]   ? 
_atom_sites.Cartn_transf_matrix[3][2]   ? 
_atom_sites.Cartn_transf_matrix[3][3]   ? 
_atom_sites.Cartn_transf_vector[1]      ? 
_atom_sites.Cartn_transf_vector[2]      ? 
_atom_sites.Cartn_transf_vector[3]      ? 
_atom_sites.Cartn_transform_axes        ? 
_atom_sites.fract_transf_matrix[1][1]   0.02932620 
_atom_sites.fract_transf_matrix[1][2]   0.01932265 
_atom_sites.fract_transf_matrix[1][3]   0.02798068 
_atom_sites.fract_transf_matrix[2][1]   -0.01432955 
_atom_sites.fract_transf_matrix[2][2]   0.03615266 
_atom_sites.fract_transf_matrix[2][3]   0.00831375 
_atom_sites.fract_transf_matrix[3][1]   -0.01113941 
_atom_sites.fract_transf_matrix[3][2]   0.00615765 
_atom_sites.fract_transf_matrix[3][3]   0.04051682 
_atom_sites.fract_transf_vector[1]      -0.374364 
_atom_sites.fract_transf_vector[2]      0.417884 
_atom_sites.fract_transf_vector[3]      -0.269873 
_atom_sites.solution_primary            ? 
_atom_sites.solution_secondary          ? 
_atom_sites.solution_hydrogens          ? 
_atom_sites.special_details             ? 
# 
loop_
_atom_type.symbol 
BR 
C  
N  
O  
P  
# 
loop_
_atom_site.group_PDB 
_atom_site.id 
_atom_site.type_symbol 
_atom_site.label_atom_id 
_atom_site.label_alt_id 
_atom_site.label_comp_id 
_atom_site.label_asym_id 
_atom_site.label_entity_id 
_atom_site.label_seq_id 
_atom_site.pdbx_PDB_ins_code 
_atom_site.Cartn_x 
_atom_site.Cartn_y 
_atom_site.Cartn_z 
_atom_site.occupancy 
_atom_site.B_iso_or_equiv 
_atom_site.pdbx_formal_charge 
_atom_site.auth_seq_id 
_atom_site.auth_comp_id 
_atom_site.auth_asym_id 
_atom_site.auth_atom_id 
_atom_site.pdbx_PDB_model_num 
ATOM   1   O  "O5'" . G   A 1 1  ? -11.207 10.100  -0.463  1.00 16.06 ? 1   G   A "O5'" 1 
ATOM   2   C  "C5'" . G   A 1 1  ? -11.059 11.331  -1.148  1.00 13.08 ? 1   G   A "C5'" 1 
ATOM   3   C  "C4'" . G   A 1 1  ? -10.367 12.355  -0.291  1.00 12.93 ? 1   G   A "C4'" 1 
ATOM   4   O  "O4'" . G   A 1 1  ? -11.158 12.635  0.894   1.00 12.38 ? 1   G   A "O4'" 1 
ATOM   5   C  "C3'" . G   A 1 1  ? -9.019  11.950  0.273   1.00 11.71 ? 1   G   A "C3'" 1 
ATOM   6   O  "O3'" . G   A 1 1  ? -7.979  12.037  -0.681  1.00 10.44 ? 1   G   A "O3'" 1 
ATOM   7   C  "C2'" . G   A 1 1  ? -8.876  12.906  1.444   1.00 11.15 ? 1   G   A "C2'" 1 
ATOM   8   O  "O2'" . G   A 1 1  ? -8.587  14.218  0.977   1.00 11.23 ? 1   G   A "O2'" 1 
ATOM   9   C  "C1'" . G   A 1 1  ? -10.303 12.895  1.988   1.00 10.34 ? 1   G   A "C1'" 1 
ATOM   10  N  N9    . G   A 1 1  ? -10.471 11.802  2.963   1.00 9.62  ? 1   G   A N9    1 
ATOM   11  C  C8    . G   A 1 1  ? -11.193 10.644  2.802   1.00 11.28 ? 1   G   A C8    1 
ATOM   12  N  N7    . G   A 1 1  ? -11.121 9.843   3.830   1.00 10.76 ? 1   G   A N7    1 
ATOM   13  C  C5    . G   A 1 1  ? -10.289 10.520  4.715   1.00 7.98  ? 1   G   A C5    1 
ATOM   14  C  C6    . G   A 1 1  ? -9.843  10.164  6.004   1.00 8.65  ? 1   G   A C6    1 
ATOM   15  O  O6    . G   A 1 1  ? -10.105 9.137   6.624   1.00 10.33 ? 1   G   A O6    1 
ATOM   16  N  N1    . G   A 1 1  ? -9.006  11.121  6.556   1.00 9.25  ? 1   G   A N1    1 
ATOM   17  C  C2    . G   A 1 1  ? -8.656  12.297  5.954   1.00 10.18 ? 1   G   A C2    1 
ATOM   18  N  N2    . G   A 1 1  ? -7.837  13.101  6.644   1.00 10.22 ? 1   G   A N2    1 
ATOM   19  N  N3    . G   A 1 1  ? -9.075  12.648  4.750   1.00 9.10  ? 1   G   A N3    1 
ATOM   20  C  C4    . G   A 1 1  ? -9.880  11.721  4.197   1.00 8.71  ? 1   G   A C4    1 
ATOM   21  P  P     . G   A 1 2  ? -6.702  11.066  -0.584  1.00 10.28 ? 2   G   A P     1 
ATOM   22  O  OP1   . G   A 1 2  ? -5.831  11.392  -1.741  1.00 11.55 ? 2   G   A OP1   1 
ATOM   23  O  OP2   . G   A 1 2  ? -7.156  9.680   -0.363  1.00 11.23 ? 2   G   A OP2   1 
ATOM   24  O  "O5'" . G   A 1 2  ? -5.958  11.528  0.740   1.00 10.30 ? 2   G   A "O5'" 1 
ATOM   25  C  "C5'" . G   A 1 2  ? -5.389  12.821  0.851   1.00 10.13 ? 2   G   A "C5'" 1 
ATOM   26  C  "C4'" . G   A 1 2  ? -4.724  12.973  2.189   1.00 8.90  ? 2   G   A "C4'" 1 
ATOM   27  O  "O4'" . G   A 1 2  ? -5.722  12.863  3.239   1.00 9.80  ? 2   G   A "O4'" 1 
ATOM   28  C  "C3'" . G   A 1 2  ? -3.729  11.881  2.535   1.00 9.80  ? 2   G   A "C3'" 1 
ATOM   29  O  "O3'" . G   A 1 2  ? -2.481  12.044  1.900   1.00 9.87  ? 2   G   A "O3'" 1 
ATOM   30  C  "C2'" . G   A 1 2  ? -3.682  11.970  4.048   1.00 8.57  ? 2   G   A "C2'" 1 
ATOM   31  O  "O2'" . G   A 1 2  ? -2.949  13.117  4.454   1.00 10.97 ? 2   G   A "O2'" 1 
ATOM   32  C  "C1'" . G   A 1 2  ? -5.156  12.210  4.359   1.00 9.87  ? 2   G   A "C1'" 1 
ATOM   33  N  N9    . G   A 1 2  ? -5.863  10.939  4.574   1.00 7.32  ? 2   G   A N9    1 
ATOM   34  C  C8    . G   A 1 2  ? -6.744  10.283  3.748   1.00 8.19  ? 2   G   A C8    1 
ATOM   35  N  N7    . G   A 1 2  ? -7.188  9.156   4.245   1.00 9.34  ? 2   G   A N7    1 
ATOM   36  C  C5    . G   A 1 2  ? -6.561  9.071   5.481   1.00 8.39  ? 2   G   A C5    1 
ATOM   37  C  C6    . G   A 1 2  ? -6.644  8.079   6.495   1.00 8.23  ? 2   G   A C6    1 
ATOM   38  O  O6    . G   A 1 2  ? -7.311  7.037   6.499   1.00 8.37  ? 2   G   A O6    1 
ATOM   39  N  N1    . G   A 1 2  ? -5.831  8.378   7.584   1.00 7.11  ? 2   G   A N1    1 
ATOM   40  C  C2    . G   A 1 2  ? -5.039  9.490   7.690   1.00 8.17  ? 2   G   A C2    1 
ATOM   41  N  N2    . G   A 1 2  ? -4.330  9.614   8.818   1.00 8.80  ? 2   G   A N2    1 
ATOM   42  N  N3    . G   A 1 2  ? -4.966  10.429  6.761   1.00 7.70  ? 2   G   A N3    1 
ATOM   43  C  C4    . G   A 1 2  ? -5.744  10.153  5.695   1.00 7.21  ? 2   G   A C4    1 
ATOM   44  P  P     . A   A 1 3  ? -1.549  10.769  1.627   1.00 9.77  ? 3   A   A P     1 
ATOM   45  O  OP1   . A   A 1 3  ? -0.470  11.224  0.702   1.00 10.96 ? 3   A   A OP1   1 
ATOM   46  O  OP2   . A   A 1 3  ? -2.371  9.590   1.277   1.00 8.87  ? 3   A   A OP2   1 
ATOM   47  O  "O5'" . A   A 1 3  ? -0.909  10.462  3.055   1.00 9.24  ? 3   A   A "O5'" 1 
ATOM   48  C  "C5'" . A   A 1 3  ? -0.002  11.372  3.650   1.00 9.49  ? 3   A   A "C5'" 1 
ATOM   49  C  "C4'" . A   A 1 3  ? 0.522   10.831  4.951   1.00 8.67  ? 3   A   A "C4'" 1 
ATOM   50  O  "O4'" . A   A 1 3  ? -0.546  10.769  5.936   1.00 8.72  ? 3   A   A "O4'" 1 
ATOM   51  C  "C3'" . A   A 1 3  ? 1.046   9.411   4.918   1.00 8.58  ? 3   A   A "C3'" 1 
ATOM   52  O  "O3'" . A   A 1 3  ? 2.336   9.310   4.370   1.00 9.59  ? 3   A   A "O3'" 1 
ATOM   53  C  "C2'" . A   A 1 3  ? 0.986   9.038   6.383   1.00 6.94  ? 3   A   A "C2'" 1 
ATOM   54  O  "O2'" . A   A 1 3  ? 1.989   9.764   7.085   1.00 9.96  ? 3   A   A "O2'" 1 
ATOM   55  C  "C1'" . A   A 1 3  ? -0.364  9.632   6.753   1.00 8.34  ? 3   A   A "C1'" 1 
ATOM   56  N  N9    . A   A 1 3  ? -1.458  8.680   6.473   1.00 7.56  ? 3   A   A N9    1 
ATOM   57  C  C8    . A   A 1 3  ? -2.284  8.632   5.377   1.00 8.14  ? 3   A   A C8    1 
ATOM   58  N  N7    . A   A 1 3  ? -3.166  7.666   5.412   1.00 8.18  ? 3   A   A N7    1 
ATOM   59  C  C5    . A   A 1 3  ? -2.905  7.024   6.615   1.00 6.65  ? 3   A   A C5    1 
ATOM   60  C  C6    . A   A 1 3  ? -3.493  5.908   7.234   1.00 7.62  ? 3   A   A C6    1 
ATOM   61  N  N6    . A   A 1 3  ? -4.526  5.222   6.714   1.00 8.58  ? 3   A   A N6    1 
ATOM   62  N  N1    . A   A 1 3  ? -2.989  5.519   8.423   1.00 7.13  ? 3   A   A N1    1 
ATOM   63  C  C2    . A   A 1 3  ? -1.968  6.202   8.945   1.00 8.51  ? 3   A   A C2    1 
ATOM   64  N  N3    . A   A 1 3  ? -1.328  7.265   8.462   1.00 7.54  ? 3   A   A N3    1 
ATOM   65  C  C4    . A   A 1 3  ? -1.850  7.633   7.273   1.00 7.04  ? 3   A   A C4    1 
ATOM   66  P  P     . C   A 1 4  ? 2.790   7.975   3.602   1.00 10.58 ? 4   C   A P     1 
ATOM   67  O  OP1   . C   A 1 4  ? 4.126   8.255   3.035   1.00 13.78 ? 4   C   A OP1   1 
ATOM   68  O  OP2   . C   A 1 4  ? 1.694   7.454   2.755   1.00 11.98 ? 4   C   A OP2   1 
ATOM   69  O  "O5'" . C   A 1 4  ? 2.954   6.882   4.747   1.00 9.90  ? 4   C   A "O5'" 1 
ATOM   70  C  "C5'" . C   A 1 4  ? 3.852   7.066   5.831   1.00 11.70 ? 4   C   A "C5'" 1 
ATOM   71  C  "C4'" . C   A 1 4  ? 3.546   6.114   6.960   1.00 9.71  ? 4   C   A "C4'" 1 
ATOM   72  O  "O4'" . C   A 1 4  ? 2.167   6.274   7.385   1.00 9.47  ? 4   C   A "O4'" 1 
ATOM   73  C  "C3'" . C   A 1 4  ? 3.662   4.632   6.646   1.00 10.37 ? 4   C   A "C3'" 1 
ATOM   74  O  "O3'" . C   A 1 4  ? 5.003   4.178   6.685   1.00 12.69 ? 4   C   A "O3'" 1 
ATOM   75  C  "C2'" . C   A 1 4  ? 2.777   4.008   7.713   1.00 10.14 ? 4   C   A "C2'" 1 
ATOM   76  O  "O2'" . C   A 1 4  ? 3.445   3.999   8.964   1.00 13.17 ? 4   C   A "O2'" 1 
ATOM   77  C  "C1'" . C   A 1 4  ? 1.644   5.026   7.792   1.00 11.07 ? 4   C   A "C1'" 1 
ATOM   78  N  N1    . C   A 1 4  ? 0.518   4.659   6.903   1.00 8.20  ? 4   C   A N1    1 
ATOM   79  C  C2    . C   A 1 4  ? -0.324  3.630   7.331   1.00 8.49  ? 4   C   A C2    1 
ATOM   80  O  O2    . C   A 1 4  ? -0.083  3.083   8.423   1.00 9.53  ? 4   C   A O2    1 
ATOM   81  N  N3    . C   A 1 4  ? -1.354  3.257   6.550   1.00 8.07  ? 4   C   A N3    1 
ATOM   82  C  C4    . C   A 1 4  ? -1.569  3.873   5.387   1.00 8.59  ? 4   C   A C4    1 
ATOM   83  N  N4    . C   A 1 4  ? -2.621  3.458   4.678   1.00 9.86  ? 4   C   A N4    1 
ATOM   84  C  C5    . C   A 1 4  ? -0.733  4.933   4.923   1.00 8.60  ? 4   C   A C5    1 
ATOM   85  C  C6    . C   A 1 4  ? 0.290   5.288   5.708   1.00 8.24  ? 4   C   A C6    1 
HETATM 86  P  P     . 5BU A 1 5  ? 5.452   2.829   5.938   1.00 13.32 ? 5   5BU A P     1 
HETATM 87  O  OP1   . 5BU A 1 5  ? 6.965   2.743   6.045   1.00 16.32 ? 5   5BU A OP1   1 
HETATM 88  O  OP2   . 5BU A 1 5  ? 4.806   2.714   4.580   1.00 14.99 ? 5   5BU A OP2   1 
HETATM 89  O  "O5'" . 5BU A 1 5  ? 4.846   1.669   6.835   1.00 13.64 ? 5   5BU A "O5'" 1 
HETATM 90  C  "C5'" . 5BU A 1 5  ? 5.383   1.383   8.113   1.00 13.72 ? 5   5BU A "C5'" 1 
HETATM 91  C  "C4'" . 5BU A 1 5  ? 4.696   0.196   8.727   1.00 14.31 ? 5   5BU A "C4'" 1 
HETATM 92  O  "O4'" . 5BU A 1 5  ? 3.293   0.495   8.943   1.00 13.57 ? 5   5BU A "O4'" 1 
HETATM 93  C  "C3'" . 5BU A 1 5  ? 4.654   -1.065  7.882   1.00 13.15 ? 5   5BU A "C3'" 1 
HETATM 94  O  "O3'" . 5BU A 1 5  ? 5.884   -1.763  7.859   1.00 14.10 ? 5   5BU A "O3'" 1 
HETATM 95  C  "C2'" . 5BU A 1 5  ? 3.510   -1.830  8.530   1.00 14.03 ? 5   5BU A "C2'" 1 
HETATM 96  O  "O2'" . 5BU A 1 5  ? 3.904   -2.359  9.786   1.00 15.43 ? 5   5BU A "O2'" 1 
HETATM 97  C  "C1'" . 5BU A 1 5  ? 2.534   -0.693  8.811   1.00 12.64 ? 5   5BU A "C1'" 1 
HETATM 98  N  N1    . 5BU A 1 5  ? 1.562   -0.507  7.718   1.00 10.74 ? 5   5BU A N1    1 
HETATM 99  C  C2    . 5BU A 1 5  ? 0.356   -1.347  7.673   1.00 13.37 ? 5   5BU A C2    1 
HETATM 100 O  O2    . 5BU A 1 5  ? 0.192   -2.182  8.496   1.00 13.73 ? 5   5BU A O2    1 
HETATM 101 N  N3    . 5BU A 1 5  ? -0.635  -1.131  6.581   1.00 10.43 ? 5   5BU A N3    1 
HETATM 102 C  C4    . 5BU A 1 5  ? -0.417  -0.123  5.570   1.00 9.28  ? 5   5BU A C4    1 
HETATM 103 O  O4    . 5BU A 1 5  ? -1.203  0.068   4.700   1.00 10.06 ? 5   5BU A O4    1 
HETATM 104 C  C5    . 5BU A 1 5  ? 0.814   0.684   5.669   1.00 11.11 ? 5   5BU A C5    1 
HETATM 105 C  C6    . 5BU A 1 5  ? 1.797   0.495   6.729   1.00 11.71 ? 5   5BU A C6    1 
HETATM 106 BR BR    . 5BU A 1 5  ? 1.201   2.011   4.370   0.55 11.18 ? 5   5BU A BR    1 
ATOM   107 P  P     . C   A 1 6  ? 6.326   -2.590  6.555   1.00 16.25 ? 6   C   A P     1 
ATOM   108 O  OP1   . C   A 1 6  ? 7.713   -3.098  6.784   1.00 18.92 ? 6   C   A OP1   1 
ATOM   109 O  OP2   . C   A 1 6  ? 6.054   -1.798  5.341   1.00 16.61 ? 6   C   A OP2   1 
ATOM   110 O  "O5'" . C   A 1 6  ? 5.340   -3.844  6.562   1.00 13.87 ? 6   C   A "O5'" 1 
ATOM   111 C  "C5'" . C   A 1 6  ? 5.375   -4.796  7.611   1.00 15.91 ? 6   C   A "C5'" 1 
ATOM   112 C  "C4'" . C   A 1 6  ? 4.178   -5.706  7.559   1.00 14.34 ? 6   C   A "C4'" 1 
ATOM   113 O  "O4'" . C   A 1 6  ? 2.960   -4.925  7.687   1.00 11.86 ? 6   C   A "O4'" 1 
ATOM   114 C  "C3'" . C   A 1 6  ? 3.964   -6.473  6.264   1.00 12.84 ? 6   C   A "C3'" 1 
ATOM   115 O  "O3'" . C   A 1 6  ? 4.820   -7.589  6.112   1.00 13.27 ? 6   C   A "O3'" 1 
ATOM   116 C  "C2'" . C   A 1 6  ? 2.490   -6.824  6.351   1.00 16.00 ? 6   C   A "C2'" 1 
ATOM   117 O  "O2'" . C   A 1 6  ? 2.283   -7.860  7.305   1.00 16.60 ? 6   C   A "O2'" 1 
ATOM   118 C  "C1'" . C   A 1 6  ? 1.925   -5.529  6.929   1.00 13.27 ? 6   C   A "C1'" 1 
ATOM   119 N  N1    . C   A 1 6  ? 1.497   -4.594  5.856   1.00 9.42  ? 6   C   A N1    1 
ATOM   120 C  C2    . C   A 1 6  ? 0.256   -4.820  5.259   1.00 11.59 ? 6   C   A C2    1 
ATOM   121 O  O2    . C   A 1 6  ? -0.419  -5.775  5.650   1.00 10.40 ? 6   C   A O2    1 
ATOM   122 N  N3    . C   A 1 6  ? -0.182  -3.998  4.284   1.00 9.18  ? 6   C   A N3    1 
ATOM   123 C  C4    . C   A 1 6  ? 0.574   -2.976  3.889   1.00 8.43  ? 6   C   A C4    1 
ATOM   124 N  N4    . C   A 1 6  ? 0.092   -2.193  2.922   1.00 9.20  ? 6   C   A N4    1 
ATOM   125 C  C5    . C   A 1 6  ? 1.849   -2.713  4.478   1.00 8.98  ? 6   C   A C5    1 
ATOM   126 C  C6    . C   A 1 6  ? 2.268   -3.537  5.450   1.00 9.47  ? 6   C   A C6    1 
ATOM   127 P  P     . G   A 1 7  ? 5.220   -8.096  4.645   1.00 15.26 ? 7   G   A P     1 
ATOM   128 O  OP1   . G   A 1 7  ? 6.263   -9.142  4.832   1.00 19.12 ? 7   G   A OP1   1 
ATOM   129 O  OP2   . G   A 1 7  ? 5.496   -6.930  3.762   1.00 17.97 ? 7   G   A OP2   1 
ATOM   130 O  "O5'" . G   A 1 7  ? 3.903   -8.794  4.094   1.00 11.28 ? 7   G   A "O5'" 1 
ATOM   131 C  "C5'" . G   A 1 7  ? 3.451   -10.006 4.670   1.00 11.25 ? 7   G   A "C5'" 1 
ATOM   132 C  "C4'" . G   A 1 7  ? 2.254   -10.540 3.933   1.00 9.72  ? 7   G   A "C4'" 1 
ATOM   133 O  "O4'" . G   A 1 7  ? 1.125   -9.647  4.116   1.00 10.19 ? 7   G   A "O4'" 1 
ATOM   134 C  "C3'" . G   A 1 7  ? 2.387   -10.639 2.425   1.00 13.39 ? 7   G   A "C3'" 1 
ATOM   135 O  "O3'" . G   A 1 7  ? 3.117   -11.772 2.011   1.00 10.92 ? 7   G   A "O3'" 1 
ATOM   136 C  "C2'" . G   A 1 7  ? 0.933   -10.656 1.990   1.00 9.79  ? 7   G   A "C2'" 1 
ATOM   137 O  "O2'" . G   A 1 7  ? 0.352   -11.909 2.320   1.00 12.23 ? 7   G   A "O2'" 1 
ATOM   138 C  "C1'" . G   A 1 7  ? 0.351   -9.616  2.934   1.00 9.98  ? 7   G   A "C1'" 1 
ATOM   139 N  N9    . G   A 1 7  ? 0.442   -8.254  2.374   1.00 8.25  ? 7   G   A N9    1 
ATOM   140 C  C8    . G   A 1 7  ? 1.364   -7.285  2.699   1.00 8.88  ? 7   G   A C8    1 
ATOM   141 N  N7    . G   A 1 7  ? 1.186   -6.164  2.047   1.00 10.91 ? 7   G   A N7    1 
ATOM   142 C  C5    . G   A 1 7  ? 0.079   -6.414  1.245   1.00 6.61  ? 7   G   A C5    1 
ATOM   143 C  C6    . G   A 1 7  ? -0.588  -5.578  0.307   1.00 7.18  ? 7   G   A C6    1 
ATOM   144 O  O6    . G   A 1 7  ? -0.331  -4.408  0.009   1.00 8.63  ? 7   G   A O6    1 
ATOM   145 N  N1    . G   A 1 7  ? -1.666  -6.223  -0.290  1.00 7.16  ? 7   G   A N1    1 
ATOM   146 C  C2    . G   A 1 7  ? -2.050  -7.515  -0.033  1.00 6.66  ? 7   G   A C2    1 
ATOM   147 N  N2    . G   A 1 7  ? -3.119  -7.984  -0.698  1.00 8.68  ? 7   G   A N2    1 
ATOM   148 N  N3    . G   A 1 7  ? -1.434  -8.302  0.837   1.00 8.28  ? 7   G   A N3    1 
ATOM   149 C  C4    . G   A 1 7  ? -0.392  -7.692  1.432   1.00 7.65  ? 7   G   A C4    1 
ATOM   150 P  P     . A   A 1 8  ? 3.975   -11.712 0.659   1.00 12.42 ? 8   A   A P     1 
ATOM   151 O  OP1   . A   A 1 8  ? 4.694   -13.012 0.557   1.00 14.19 ? 8   A   A OP1   1 
ATOM   152 O  OP2   . A   A 1 8  ? 4.707   -10.446 0.541   1.00 14.35 ? 8   A   A OP2   1 
ATOM   153 O  "O5'" . A   A 1 8  ? 2.872   -11.676 -0.486  1.00 13.34 ? 8   A   A "O5'" 1 
ATOM   154 C  "C5'" . A   A 1 8  ? 2.060   -12.808 -0.719  1.00 12.73 ? 8   A   A "C5'" 1 
ATOM   155 C  "C4'" . A   A 1 8  ? 0.944   -12.499 -1.676  1.00 12.46 ? 8   A   A "C4'" 1 
ATOM   156 O  "O4'" . A   A 1 8  ? 0.085   -11.458 -1.135  1.00 10.57 ? 8   A   A "O4'" 1 
ATOM   157 C  "C3'" . A   A 1 8  ? 1.334   -11.949 -3.034  1.00 11.98 ? 8   A   A "C3'" 1 
ATOM   158 O  "O3'" . A   A 1 8  ? 1.876   -12.916 -3.916  1.00 13.22 ? 8   A   A "O3'" 1 
ATOM   159 C  "C2'" . A   A 1 8  ? 0.018   -11.356 -3.495  1.00 10.02 ? 8   A   A "C2'" 1 
ATOM   160 O  "O2'" . A   A 1 8  ? -0.891  -12.399 -3.818  1.00 12.91 ? 8   A   A "O2'" 1 
ATOM   161 C  "C1'" . A   A 1 8  ? -0.441  -10.687 -2.203  1.00 10.49 ? 8   A   A "C1'" 1 
ATOM   162 N  N9    . A   A 1 8  ? 0.135   -9.338  -2.136  1.00 9.00  ? 8   A   A N9    1 
ATOM   163 C  C8    . A   A 1 8  ? 1.226   -8.925  -1.420  1.00 8.78  ? 8   A   A C8    1 
ATOM   164 N  N7    . A   A 1 8  ? 1.543   -7.669  -1.605  1.00 9.67  ? 8   A   A N7    1 
ATOM   165 C  C5    . A   A 1 8  ? 0.611   -7.228  -2.534  1.00 7.77  ? 8   A   A C5    1 
ATOM   166 C  C6    . A   A 1 8  ? 0.409   -5.972  -3.133  1.00 7.66  ? 8   A   A C6    1 
ATOM   167 N  N6    . A   A 1 8  ? 1.171   -4.907  -2.878  1.00 8.35  ? 8   A   A N6    1 
ATOM   168 N  N1    . A   A 1 8  ? -0.609  -5.850  -4.016  1.00 8.96  ? 8   A   A N1    1 
ATOM   169 C  C2    . A   A 1 8  ? -1.371  -6.927  -4.259  1.00 7.80  ? 8   A   A C2    1 
ATOM   170 N  N3    . A   A 1 8  ? -1.285  -8.158  -3.746  1.00 8.91  ? 8   A   A N3    1 
ATOM   171 C  C4    . A   A 1 8  ? -0.258  -8.244  -2.877  1.00 8.14  ? 8   A   A C4    1 
ATOM   172 P  P     . G   A 1 9  ? 2.991   -12.490 -4.994  1.00 13.72 ? 9   G   A P     1 
ATOM   173 O  OP1   . G   A 1 9  ? 3.433   -13.757 -5.643  1.00 17.21 ? 9   G   A OP1   1 
ATOM   174 O  OP2   . G   A 1 9  ? 4.010   -11.600 -4.390  1.00 16.44 ? 9   G   A OP2   1 
ATOM   175 O  "O5'" . G   A 1 9  ? 2.196   -11.593 -6.036  1.00 12.96 ? 9   G   A "O5'" 1 
ATOM   176 C  "C5'" . G   A 1 9  ? 1.108   -12.126 -6.764  1.00 11.27 ? 9   G   A "C5'" 1 
ATOM   177 C  "C4'" . G   A 1 9  ? 0.402   -11.043 -7.531  1.00 10.66 ? 9   G   A "C4'" 1 
ATOM   178 O  "O4'" . G   A 1 9  ? -0.020  -9.982  -6.632  1.00 9.55  ? 9   G   A "O4'" 1 
ATOM   179 C  "C3'" . G   A 1 9  ? 1.237   -10.313 -8.564  1.00 9.47  ? 9   G   A "C3'" 1 
ATOM   180 O  "O3'" . G   A 1 9  ? 1.393   -11.075 -9.744  1.00 8.90  ? 9   G   A "O3'" 1 
ATOM   181 C  "C2'" . G   A 1 9  ? 0.436   -9.037  -8.757  1.00 10.09 ? 9   G   A "C2'" 1 
ATOM   182 O  "O2'" . G   A 1 9  ? -0.735  -9.294  -9.520  1.00 10.34 ? 9   G   A "O2'" 1 
ATOM   183 C  "C1'" . G   A 1 9  ? 0.013   -8.745  -7.318  1.00 9.51  ? 9   G   A "C1'" 1 
ATOM   184 N  N9    . G   A 1 9  ? 0.980   -7.854  -6.647  1.00 9.39  ? 9   G   A N9    1 
ATOM   185 C  C8    . G   A 1 9  ? 1.937   -8.170  -5.717  1.00 9.35  ? 9   G   A C8    1 
ATOM   186 N  N7    . G   A 1 9  ? 2.636   -7.135  -5.320  1.00 7.74  ? 9   G   A N7    1 
ATOM   187 C  C5    . G   A 1 9  ? 2.119   -6.068  -6.040  1.00 7.17  ? 9   G   A C5    1 
ATOM   188 C  C6    . G   A 1 9  ? 2.468   -4.687  -6.048  1.00 8.44  ? 9   G   A C6    1 
ATOM   189 O  O6    . G   A 1 9  ? 3.343   -4.100  -5.382  1.00 8.89  ? 9   G   A O6    1 
ATOM   190 N  N1    . G   A 1 9  ? 1.684   -3.957  -6.940  1.00 8.21  ? 9   G   A N1    1 
ATOM   191 C  C2    . G   A 1 9  ? 0.680   -4.501  -7.718  1.00 8.11  ? 9   G   A C2    1 
ATOM   192 N  N2    . G   A 1 9  ? 0.030   -3.656  -8.511  1.00 9.32  ? 9   G   A N2    1 
ATOM   193 N  N3    . G   A 1 9  ? 0.348   -5.783  -7.725  1.00 9.44  ? 9   G   A N3    1 
ATOM   194 C  C4    . G   A 1 9  ? 1.101   -6.505  -6.869  1.00 7.50  ? 9   G   A C4    1 
HETATM 195 C  "C1'" . HHX A 1 10 ? 1.164   -6.225  -11.940 1.00 12.24 ? 10  HHX A "C1'" 1 
HETATM 196 C  C2    . HHX A 1 10 ? 2.512   -4.576  -10.809 1.00 9.91  ? 10  HHX A C2    1 
HETATM 197 C  "C2'" . HHX A 1 10 ? 1.647   -6.276  -13.510 1.00 11.19 ? 10  HHX A "C2'" 1 
HETATM 198 C  "C3'" . HHX A 1 10 ? 1.795   -7.515  -13.734 1.00 13.66 ? 10  HHX A "C3'" 1 
HETATM 199 C  C4    . HHX A 1 10 ? 3.987   -5.176  -9.136  1.00 7.94  ? 10  HHX A C4    1 
HETATM 200 C  "C4'" . HHX A 1 10 ? 0.775   -8.331  -12.817 1.00 12.16 ? 10  HHX A "C4'" 1 
HETATM 201 C  C5    . HHX A 1 10 ? 3.652   -6.515  -9.311  1.00 8.47  ? 10  HHX A C5    1 
HETATM 202 C  "C5'" . HHX A 1 10 ? 1.185   -9.634  -12.469 1.00 12.77 ? 10  HHX A "C5'" 1 
HETATM 203 C  C6    . HHX A 1 10 ? 2.716   -6.828  -10.281 1.00 9.13  ? 10  HHX A C6    1 
HETATM 204 C  "C6'" . HHX A 1 10 ? -0.816  -6.017  -14.444 1.00 16.50 ? 10  HHX A "C6'" 1 
HETATM 205 C  "C7'" . HHX A 1 10 ? 0.856   -4.253  -14.921 1.00 18.66 ? 10  HHX A "C7'" 1 
HETATM 206 N  N1    . HHX A 1 10 ? 2.176   -5.854  -11.000 1.00 7.93  ? 10  HHX A N1    1 
HETATM 207 N  "N2'" . HHX A 1 10 ? 0.544   -5.527  -14.303 1.00 12.00 ? 10  HHX A "N2'" 1 
HETATM 208 N  N3    . HHX A 1 10 ? 3.415   -4.255  -9.898  1.00 7.63  ? 10  HHX A N3    1 
HETATM 209 O  O2    . HHX A 1 10 ? 2.034   -3.700  -11.467 1.00 10.53 ? 10  HHX A O2    1 
HETATM 210 O  "O3'" . HHX A 1 10 ? 1.529   -7.917  -15.142 1.00 12.97 ? 10  HHX A "O3'" 1 
HETATM 211 O  O4    . HHX A 1 10 ? 4.922   -4.810  -8.174  1.00 10.67 ? 10  HHX A O4    1 
HETATM 212 O  "O4'" . HHX A 1 10 ? 0.663   -7.416  -11.640 1.00 10.56 ? 10  HHX A "O4'" 1 
HETATM 213 O  "O5'" . HHX A 1 10 ? 2.324   -9.638  -11.658 1.00 9.95  ? 10  HHX A "O5'" 1 
HETATM 214 O  "O6'" . HHX A 1 10 ? 0.011   -3.674  -15.523 1.00 21.36 ? 10  HHX A "O6'" 1 
HETATM 215 O  OP1   . HHX A 1 10 ? 2.772   -12.203 -11.474 1.00 11.48 ? 10  HHX A OP1   1 
HETATM 216 O  OP2   . HHX A 1 10 ? 3.918   -10.581 -9.902  1.00 11.23 ? 10  HHX A OP2   1 
HETATM 217 P  P     . HHX A 1 10 ? 2.681   -10.916 -10.688 1.00 10.23 ? 10  HHX A P     1 
ATOM   218 P  P     . C   A 1 11 ? 2.708   -7.765  -16.197 1.00 15.24 ? 11  C   A P     1 
ATOM   219 O  OP1   . C   A 1 11 ? 2.164   -7.984  -17.560 1.00 20.08 ? 11  C   A OP1   1 
ATOM   220 O  OP2   . C   A 1 11 ? 3.866   -8.535  -15.727 1.00 13.32 ? 11  C   A OP2   1 
ATOM   221 O  "O5'" . C   A 1 11 ? 3.102   -6.239  -16.044 1.00 13.11 ? 11  C   A "O5'" 1 
ATOM   222 C  "C5'" . C   A 1 11 ? 4.445   -5.822  -16.150 1.00 14.05 ? 11  C   A "C5'" 1 
ATOM   223 C  "C4'" . C   A 1 11 ? 4.528   -4.342  -15.910 1.00 12.10 ? 11  C   A "C4'" 1 
ATOM   224 O  "O4'" . C   A 1 11 ? 4.124   -4.037  -14.551 1.00 11.91 ? 11  C   A "O4'" 1 
ATOM   225 C  "C3'" . C   A 1 11 ? 5.905   -3.735  -16.036 1.00 11.90 ? 11  C   A "C3'" 1 
ATOM   226 O  "O3'" . C   A 1 11 ? 6.234   -3.476  -17.385 1.00 12.05 ? 11  C   A "O3'" 1 
ATOM   227 C  "C2'" . C   A 1 11 ? 5.793   -2.479  -15.187 1.00 11.55 ? 11  C   A "C2'" 1 
ATOM   228 O  "O2'" . C   A 1 11 ? 5.089   -1.471  -15.895 1.00 13.31 ? 11  C   A "O2'" 1 
ATOM   229 C  "C1'" . C   A 1 11 ? 4.893   -2.964  -14.052 1.00 9.29  ? 11  C   A "C1'" 1 
ATOM   230 N  N1    . C   A 1 11 ? 5.648   -3.431  -12.865 1.00 10.01 ? 11  C   A N1    1 
ATOM   231 C  C2    . C   A 1 11 ? 6.263   -2.481  -12.048 1.00 9.39  ? 11  C   A C2    1 
ATOM   232 O  O2    . C   A 1 11 ? 6.156   -1.293  -12.378 1.00 11.06 ? 11  C   A O2    1 
ATOM   233 N  N3    . C   A 1 11 ? 6.942   -2.881  -10.953 1.00 9.50  ? 11  C   A N3    1 
ATOM   234 C  C4    . C   A 1 11 ? 7.021   -4.174  -10.639 1.00 9.90  ? 11  C   A C4    1 
ATOM   235 N  N4    . C   A 1 11 ? 7.707   -4.528  -9.547  1.00 9.70  ? 11  C   A N4    1 
ATOM   236 C  C5    . C   A 1 11 ? 6.406   -5.166  -11.458 1.00 9.77  ? 11  C   A C5    1 
ATOM   237 C  C6    . C   A 1 11 ? 5.734   -4.761  -12.541 1.00 11.02 ? 11  C   A C6    1 
ATOM   238 P  P     . C   A 1 12 ? 7.758   -3.577  -17.873 1.00 12.24 ? 12  C   A P     1 
ATOM   239 O  OP1   . C   A 1 12 ? 7.757   -3.453  -19.350 1.00 14.94 ? 12  C   A OP1   1 
ATOM   240 O  OP2   . C   A 1 12 ? 8.400   -4.753  -17.250 1.00 14.26 ? 12  C   A OP2   1 
ATOM   241 O  "O5'" . C   A 1 12 ? 8.435   -2.291  -17.236 1.00 10.10 ? 12  C   A "O5'" 1 
ATOM   242 C  "C5'" . C   A 1 12 ? 8.143   -0.995  -17.729 1.00 9.36  ? 12  C   A "C5'" 1 
ATOM   243 C  "C4'" . C   A 1 12 ? 9.051   0.009   -17.079 1.00 9.56  ? 12  C   A "C4'" 1 
ATOM   244 O  "O4'" . C   A 1 12 ? 8.728   0.111   -15.670 1.00 9.20  ? 12  C   A "O4'" 1 
ATOM   245 C  "C3'" . C   A 1 12 ? 10.525  -0.348  -17.078 1.00 11.14 ? 12  C   A "C3'" 1 
ATOM   246 O  "O3'" . C   A 1 12 ? 11.156  -0.084  -18.319 1.00 11.18 ? 12  C   A "O3'" 1 
ATOM   247 C  "C2'" . C   A 1 12 ? 11.059  0.486   -15.926 1.00 9.56  ? 12  C   A "C2'" 1 
ATOM   248 O  "O2'" . C   A 1 12 ? 11.176  1.848   -16.324 1.00 10.57 ? 12  C   A "O2'" 1 
ATOM   249 C  "C1'" . C   A 1 12 ? 9.902   0.391   -14.931 1.00 8.31  ? 12  C   A "C1'" 1 
ATOM   250 N  N1    . C   A 1 12 ? 10.088  -0.666  -13.904 1.00 7.99  ? 12  C   A N1    1 
ATOM   251 C  C2    . C   A 1 12 ? 10.824  -0.365  -12.763 1.00 8.64  ? 12  C   A C2    1 
ATOM   252 O  O2    . C   A 1 12 ? 11.328  0.760   -12.658 1.00 10.87 ? 12  C   A O2    1 
ATOM   253 N  N3    . C   A 1 12 ? 10.988  -1.302  -11.803 1.00 7.91  ? 12  C   A N3    1 
ATOM   254 C  C4    . C   A 1 12 ? 10.429  -2.497  -11.948 1.00 7.53  ? 12  C   A C4    1 
ATOM   255 N  N4    . C   A 1 12 ? 10.606  -3.387  -10.963 1.00 9.17  ? 12  C   A N4    1 
ATOM   256 C  C5    . C   A 1 12 ? 9.669   -2.847  -13.097 1.00 8.19  ? 12  C   A C5    1 
ATOM   257 C  C6    . C   A 1 12 ? 9.515   -1.906  -14.043 1.00 8.65  ? 12  C   A C6    1 
ATOM   258 O  "O5'" . G   B 1 1  ? 14.960  -0.364  -2.500  1.00 15.46 ? 1   G   B "O5'" 1 
ATOM   259 C  "C5'" . G   B 1 1  ? 15.722  0.810   -2.270  1.00 14.93 ? 1   G   B "C5'" 1 
ATOM   260 C  "C4'" . G   B 1 1  ? 15.760  1.687   -3.496  1.00 11.89 ? 1   G   B "C4'" 1 
ATOM   261 O  "O4'" . G   B 1 1  ? 16.282  0.933   -4.624  1.00 12.86 ? 1   G   B "O4'" 1 
ATOM   262 C  "C3'" . G   B 1 1  ? 14.414  2.190   -3.984  1.00 12.60 ? 1   G   B "C3'" 1 
ATOM   263 O  "O3'" . G   B 1 1  ? 13.960  3.311   -3.259  1.00 12.32 ? 1   G   B "O3'" 1 
ATOM   264 C  "C2'" . G   B 1 1  ? 14.685  2.470   -5.453  1.00 10.62 ? 1   G   B "C2'" 1 
ATOM   265 O  "O2'" . G   B 1 1  ? 15.414  3.684   -5.603  1.00 12.10 ? 1   G   B "O2'" 1 
ATOM   266 C  "C1'" . G   B 1 1  ? 15.597  1.297   -5.805  1.00 13.21 ? 1   G   B "C1'" 1 
ATOM   267 N  N9    . G   B 1 1  ? 14.803  0.135   -6.251  1.00 10.28 ? 1   G   B N9    1 
ATOM   268 C  C8    . G   B 1 1  ? 14.609  -1.043  -5.573  1.00 11.32 ? 1   G   B C8    1 
ATOM   269 N  N7    . G   B 1 1  ? 13.846  -1.886  -6.207  1.00 9.66  ? 1   G   B N7    1 
ATOM   270 C  C5    . G   B 1 1  ? 13.489  -1.212  -7.377  1.00 9.05  ? 1   G   B C5    1 
ATOM   271 C  C6    . G   B 1 1  ? 12.673  -1.604  -8.468  1.00 8.17  ? 1   G   B C6    1 
ATOM   272 O  O6    . G   B 1 1  ? 12.058  -2.666  -8.627  1.00 9.33  ? 1   G   B O6    1 
ATOM   273 N  N1    . G   B 1 1  ? 12.596  -0.606  -9.439  1.00 8.73  ? 1   G   B N1    1 
ATOM   274 C  C2    . G   B 1 1  ? 13.217  0.611   -9.381  1.00 10.03 ? 1   G   B C2    1 
ATOM   275 N  N2    . G   B 1 1  ? 13.017  1.441   -10.420 1.00 10.47 ? 1   G   B N2    1 
ATOM   276 N  N3    . G   B 1 1  ? 13.987  0.986   -8.374  1.00 9.57  ? 1   G   B N3    1 
ATOM   277 C  C4    . G   B 1 1  ? 14.074  0.033   -7.419  1.00 9.87  ? 1   G   B C4    1 
ATOM   278 P  P     . G   B 1 2  ? 12.393  3.523   -3.001  1.00 13.39 ? 2   G   B P     1 
ATOM   279 O  OP1   . G   B 1 2  ? 12.261  4.753   -2.168  1.00 14.30 ? 2   G   B OP1   1 
ATOM   280 O  OP2   . G   B 1 2  ? 11.823  2.249   -2.505  1.00 13.55 ? 2   G   B OP2   1 
ATOM   281 O  "O5'" . G   B 1 2  ? 11.790  3.776   -4.450  1.00 12.01 ? 2   G   B "O5'" 1 
ATOM   282 C  "C5'" . G   B 1 2  ? 12.161  4.917   -5.195  1.00 13.22 ? 2   G   B "C5'" 1 
ATOM   283 C  "C4'" . G   B 1 2  ? 11.453  4.925   -6.515  1.00 12.33 ? 2   G   B "C4'" 1 
ATOM   284 O  "O4'" . G   B 1 2  ? 11.964  3.861   -7.365  1.00 11.70 ? 2   G   B "O4'" 1 
ATOM   285 C  "C3'" . G   B 1 2  ? 9.965   4.640   -6.467  1.00 12.28 ? 2   G   B "C3'" 1 
ATOM   286 O  "O3'" . G   B 1 2  ? 9.198   5.727   -5.972  1.00 11.43 ? 2   G   B "O3'" 1 
ATOM   287 C  "C2'" . G   B 1 2  ? 9.696   4.257   -7.911  1.00 10.00 ? 2   G   B "C2'" 1 
ATOM   288 O  "O2'" . G   B 1 2  ? 9.784   5.397   -8.751  1.00 11.77 ? 2   G   B "O2'" 1 
ATOM   289 C  "C1'" . G   B 1 2  ? 10.915  3.377   -8.189  1.00 10.76 ? 2   G   B "C1'" 1 
ATOM   290 N  N9    . G   B 1 2  ? 10.605  1.984   -7.826  1.00 9.09  ? 2   G   B N9    1 
ATOM   291 C  C8    . G   B 1 2  ? 10.935  1.276   -6.693  1.00 9.71  ? 2   G   B C8    1 
ATOM   292 N  N7    . G   B 1 2  ? 10.451  0.061   -6.679  1.00 10.72 ? 2   G   B N7    1 
ATOM   293 C  C5    . G   B 1 2  ? 9.734   -0.031  -7.865  1.00 8.31  ? 2   G   B C5    1 
ATOM   294 C  C6    . G   B 1 2  ? 8.979   -1.101  -8.421  1.00 8.77  ? 2   G   B C6    1 
ATOM   295 O  O6    . G   B 1 2  ? 8.783   -2.229  -7.962  1.00 9.77  ? 2   G   B O6    1 
ATOM   296 N  N1    . G   B 1 2  ? 8.423   -0.759  -9.646  1.00 7.66  ? 2   G   B N1    1 
ATOM   297 C  C2    . G   B 1 2  ? 8.551   0.457   -10.269 1.00 8.37  ? 2   G   B C2    1 
ATOM   298 N  N2    . G   B 1 2  ? 7.932   0.594   -11.437 1.00 9.03  ? 2   G   B N2    1 
ATOM   299 N  N3    . G   B 1 2  ? 9.252   1.462   -9.774  1.00 10.28 ? 2   G   B N3    1 
ATOM   300 C  C4    . G   B 1 2  ? 9.807   1.150   -8.575  1.00 8.34  ? 2   G   B C4    1 
ATOM   301 P  P     . A   B 1 3  ? 7.768   5.482   -5.281  1.00 11.09 ? 3   A   B P     1 
ATOM   302 O  OP1   . A   B 1 3  ? 7.371   6.807   -4.720  1.00 14.07 ? 3   A   B OP1   1 
ATOM   303 O  OP2   . A   B 1 3  ? 7.804   4.288   -4.420  1.00 10.67 ? 3   A   B OP2   1 
ATOM   304 O  "O5'" . A   B 1 3  ? 6.829   5.128   -6.511  1.00 9.24  ? 3   A   B "O5'" 1 
ATOM   305 C  "C5'" . A   B 1 3  ? 6.580   6.109   -7.496  1.00 9.81  ? 3   A   B "C5'" 1 
ATOM   306 C  "C4'" . A   B 1 3  ? 5.641   5.592   -8.542  1.00 8.60  ? 3   A   B "C4'" 1 
ATOM   307 O  "O4'" . A   B 1 3  ? 6.261   4.501   -9.266  1.00 8.75  ? 3   A   B "O4'" 1 
ATOM   308 C  "C3'" . A   B 1 3  ? 4.349   4.985   -8.034  1.00 8.96  ? 3   A   B "C3'" 1 
ATOM   309 O  "O3'" . A   B 1 3  ? 3.395   5.958   -7.673  1.00 8.34  ? 3   A   B "O3'" 1 
ATOM   310 C  "C2'" . A   B 1 3  ? 3.923   4.150   -9.221  1.00 7.73  ? 3   A   B "C2'" 1 
ATOM   311 O  "O2'" . A   B 1 3  ? 3.465   5.018   -10.248 1.00 8.62  ? 3   A   B "O2'" 1 
ATOM   312 C  "C1'" . A   B 1 3  ? 5.270   3.565   -9.642  1.00 7.85  ? 3   A   B "C1'" 1 
ATOM   313 N  N9    . A   B 1 3  ? 5.539   2.295   -8.940  1.00 8.43  ? 3   A   B N9    1 
ATOM   314 C  C8    . A   B 1 3  ? 6.319   2.087   -7.838  1.00 8.27  ? 3   A   B C8    1 
ATOM   315 N  N7    . A   B 1 3  ? 6.370   0.838   -7.425  1.00 8.99  ? 3   A   B N7    1 
ATOM   316 C  C5    . A   B 1 3  ? 5.542   0.180   -8.325  1.00 7.20  ? 3   A   B C5    1 
ATOM   317 C  C6    . A   B 1 3  ? 5.160   -1.165  -8.421  1.00 7.51  ? 3   A   B C6    1 
ATOM   318 N  N6    . A   B 1 3  ? 5.601   -2.102  -7.578  1.00 9.62  ? 3   A   B N6    1 
ATOM   319 N  N1    . A   B 1 3  ? 4.320   -1.511  -9.426  1.00 7.39  ? 3   A   B N1    1 
ATOM   320 C  C2    . A   B 1 3  ? 3.894   -0.561  -10.261 1.00 7.43  ? 3   A   B C2    1 
ATOM   321 N  N3    . A   B 1 3  ? 4.187   0.741   -10.261 1.00 9.19  ? 3   A   B N3    1 
ATOM   322 C  C4    . A   B 1 3  ? 5.023   1.053   -9.255  1.00 7.58  ? 3   A   B C4    1 
ATOM   323 P  P     . C   B 1 4  ? 2.427   5.740   -6.407  1.00 10.11 ? 4   C   B P     1 
ATOM   324 O  OP1   . C   B 1 4  ? 1.825   7.079   -6.146  1.00 13.02 ? 4   C   B OP1   1 
ATOM   325 O  OP2   . C   B 1 4  ? 3.117   5.007   -5.308  1.00 11.06 ? 4   C   B OP2   1 
ATOM   326 O  "O5'" . C   B 1 4  ? 1.288   4.767   -6.948  1.00 9.07  ? 4   C   B "O5'" 1 
ATOM   327 C  "C5'" . C   B 1 4  ? 0.497   5.131   -8.072  1.00 11.00 ? 4   C   B "C5'" 1 
ATOM   328 C  "C4'" . C   B 1 4  ? -0.054  3.916   -8.784  1.00 11.19 ? 4   C   B "C4'" 1 
ATOM   329 O  "O4'" . C   B 1 4  ? 1.025   3.010   -9.132  1.00 10.34 ? 4   C   B "O4'" 1 
ATOM   330 C  "C3'" . C   B 1 4  ? -1.028  3.048   -8.001  1.00 11.40 ? 4   C   B "C3'" 1 
ATOM   331 O  "O3'" . C   B 1 4  ? -2.342  3.574   -8.012  1.00 10.60 ? 4   C   B "O3'" 1 
ATOM   332 C  "C2'" . C   B 1 4  ? -0.910  1.705   -8.706  1.00 11.77 ? 4   C   B "C2'" 1 
ATOM   333 O  "O2'" . C   B 1 4  ? -1.631  1.721   -9.931  1.00 13.49 ? 4   C   B "O2'" 1 
ATOM   334 C  "C1'" . C   B 1 4  ? 0.581   1.672   -9.037  1.00 11.06 ? 4   C   B "C1'" 1 
ATOM   335 N  N1    . C   B 1 4  ? 1.371   0.974   -7.996  1.00 9.41  ? 4   C   B N1    1 
ATOM   336 C  C2    . C   B 1 4  ? 1.316   -0.420  -7.969  1.00 10.40 ? 4   C   B C2    1 
ATOM   337 O  O2    . C   B 1 4  ? 0.608   -0.997  -8.806  1.00 12.38 ? 4   C   B O2    1 
ATOM   338 N  N3    . C   B 1 4  ? 2.019   -1.108  -7.044  1.00 7.30  ? 4   C   B N3    1 
ATOM   339 C  C4    . C   B 1 4  ? 2.766   -0.449  -6.157  1.00 7.66  ? 4   C   B C4    1 
ATOM   340 N  N4    . C   B 1 4  ? 3.440   -1.174  -5.257  1.00 9.64  ? 4   C   B N4    1 
ATOM   341 C  C5    . C   B 1 4  ? 2.854   0.976   -6.162  1.00 9.29  ? 4   C   B C5    1 
ATOM   342 C  C6    . C   B 1 4  ? 2.142   1.639   -7.082  1.00 8.78  ? 4   C   B C6    1 
HETATM 343 P  P     . 5BU B 1 5  ? -3.415  3.162   -6.888  1.00 12.78 ? 5   5BU B P     1 
HETATM 344 O  OP1   . 5BU B 1 5  ? -4.626  4.025   -7.144  1.00 15.92 ? 5   5BU B OP1   1 
HETATM 345 O  OP2   . 5BU B 1 5  ? -2.791  3.180   -5.523  1.00 14.11 ? 5   5BU B OP2   1 
HETATM 346 O  "O5'" . 5BU B 1 5  ? -3.796  1.648   -7.215  1.00 10.92 ? 5   5BU B "O5'" 1 
HETATM 347 C  "C5'" . 5BU B 1 5  ? -4.513  1.301   -8.386  1.00 10.69 ? 5   5BU B "C5'" 1 
HETATM 348 C  "C4'" . 5BU B 1 5  ? -4.779  -0.180  -8.436  1.00 12.17 ? 5   5BU B "C4'" 1 
HETATM 349 O  "O4'" . 5BU B 1 5  ? -3.525  -0.901  -8.542  1.00 11.60 ? 5   5BU B "O4'" 1 
HETATM 350 C  "C3'" . 5BU B 1 5  ? -5.428  -0.794  -7.208  1.00 11.47 ? 5   5BU B "C3'" 1 
HETATM 351 O  "O3'" . 5BU B 1 5  ? -6.818  -0.551  -7.130  1.00 10.51 ? 5   5BU B "O3'" 1 
HETATM 352 C  "C2'" . 5BU B 1 5  ? -5.062  -2.265  -7.362  1.00 11.18 ? 5   5BU B "C2'" 1 
HETATM 353 O  "O2'" . 5BU B 1 5  ? -5.814  -2.876  -8.404  1.00 11.66 ? 5   5BU B "O2'" 1 
HETATM 354 C  "C1'" . 5BU B 1 5  ? -3.638  -2.144  -7.877  1.00 10.47 ? 5   5BU B "C1'" 1 
HETATM 355 N  N1    . 5BU B 1 5  ? -2.638  -2.178  -6.802  1.00 9.92  ? 5   5BU B N1    1 
HETATM 356 C  C2    . 5BU B 1 5  ? -2.216  -3.480  -6.278  1.00 10.28 ? 5   5BU B C2    1 
HETATM 357 O  O2    . 5BU B 1 5  ? -2.733  -4.456  -6.695  1.00 13.05 ? 5   5BU B O2    1 
HETATM 358 N  N3    . 5BU B 1 5  ? -1.167  -3.546  -5.225  1.00 10.65 ? 5   5BU B N3    1 
HETATM 359 C  C4    . 5BU B 1 5  ? -0.575  -2.334  -4.731  1.00 10.71 ? 5   5BU B C4    1 
HETATM 360 O  O4    . 5BU B 1 5  ? 0.266   -2.370  -3.905  1.00 10.93 ? 5   5BU B O4    1 
HETATM 361 C  C5    . 5BU B 1 5  ? -1.043  -1.051  -5.286  1.00 10.02 ? 5   5BU B C5    1 
HETATM 362 C  C6    . 5BU B 1 5  ? -2.060  -0.960  -6.325  1.00 10.57 ? 5   5BU B C6    1 
HETATM 363 BR BR    . 5BU B 1 5  ? -0.309  0.588   -4.661  0.49 10.36 ? 5   5BU B BR    1 
ATOM   364 P  P     . C   B 1 6  ? -7.524  -0.380  -5.704  1.00 11.47 ? 6   C   B P     1 
ATOM   365 O  OP1   . C   B 1 6  ? -8.908  0.101   -5.971  1.00 12.66 ? 6   C   B OP1   1 
ATOM   366 O  OP2   . C   B 1 6  ? -6.643  0.404   -4.813  1.00 11.87 ? 6   C   B OP2   1 
ATOM   367 O  "O5'" . C   B 1 6  ? -7.577  -1.857  -5.117  1.00 10.95 ? 6   C   B "O5'" 1 
ATOM   368 C  "C5'" . C   B 1 6  ? -8.325  -2.866  -5.773  1.00 11.14 ? 6   C   B "C5'" 1 
ATOM   369 C  "C4'" . C   B 1 6  ? -7.999  -4.225  -5.222  1.00 11.20 ? 6   C   B "C4'" 1 
ATOM   370 O  "O4'" . C   B 1 6  ? -6.604  -4.536  -5.475  1.00 9.38  ? 6   C   B "O4'" 1 
ATOM   371 C  "C3'" . C   B 1 6  ? -8.128  -4.399  -3.716  1.00 9.66  ? 6   C   B "C3'" 1 
ATOM   372 O  "O3'" . C   B 1 6  ? -9.462  -4.551  -3.275  1.00 10.90 ? 6   C   B "O3'" 1 
ATOM   373 C  "C2'" . C   B 1 6  ? -7.272  -5.628  -3.481  1.00 7.97  ? 6   C   B "C2'" 1 
ATOM   374 O  "O2'" . C   B 1 6  ? -7.949  -6.787  -3.964  1.00 9.61  ? 6   C   B "O2'" 1 
ATOM   375 C  "C1'" . C   B 1 6  ? -6.102  -5.336  -4.417  1.00 9.72  ? 6   C   B "C1'" 1 
ATOM   376 N  N1    . C   B 1 6  ? -5.029  -4.588  -3.716  1.00 7.98  ? 6   C   B N1    1 
ATOM   377 C  C2    . C   B 1 6  ? -4.160  -5.324  -2.909  1.00 8.04  ? 6   C   B C2    1 
ATOM   378 O  O2    . C   B 1 6  ? -4.321  -6.547  -2.822  1.00 9.49  ? 6   C   B O2    1 
ATOM   379 N  N3    . C   B 1 6  ? -3.174  -4.680  -2.249  1.00 6.99  ? 6   C   B N3    1 
ATOM   380 C  C4    . C   B 1 6  ? -3.029  -3.363  -2.374  1.00 7.03  ? 6   C   B C4    1 
ATOM   381 N  N4    . C   B 1 6  ? -2.036  -2.774  -1.703  1.00 8.62  ? 6   C   B N4    1 
ATOM   382 C  C5    . C   B 1 6  ? -3.905  -2.577  -3.174  1.00 9.00  ? 6   C   B C5    1 
ATOM   383 C  C6    . C   B 1 6  ? -4.883  -3.229  -3.823  1.00 9.35  ? 6   C   B C6    1 
ATOM   384 P  P     . G   B 1 7  ? -9.874  -4.077  -1.796  1.00 12.87 ? 7   G   B P     1 
ATOM   385 O  OP1   . G   B 1 7  ? -11.352 -4.204  -1.686  1.00 18.09 ? 7   G   B OP1   1 
ATOM   386 O  OP2   . G   B 1 7  ? -9.242  -2.769  -1.520  1.00 14.02 ? 7   G   B OP2   1 
ATOM   387 O  "O5'" . G   B 1 7  ? -9.190  -5.144  -0.841  1.00 11.06 ? 7   G   B "O5'" 1 
ATOM   388 C  "C5'" . G   B 1 7  ? -9.552  -6.512  -0.897  1.00 10.89 ? 7   G   B "C5'" 1 
ATOM   389 C  "C4'" . G   B 1 7  ? -8.627  -7.332  -0.046  1.00 10.71 ? 7   G   B "C4'" 1 
ATOM   390 O  "O4'" . G   B 1 7  ? -7.266  -7.124  -0.495  1.00 10.16 ? 7   G   B "O4'" 1 
ATOM   391 C  "C3'" . G   B 1 7  ? -8.586  -6.951  1.423   1.00 12.79 ? 7   G   B "C3'" 1 
ATOM   392 O  "O3'" . G   B 1 7  ? -9.652  -7.521  2.153   1.00 12.71 ? 7   G   B "O3'" 1 
ATOM   393 C  "C2'" . G   B 1 7  ? -7.220  -7.452  1.856   1.00 10.88 ? 7   G   B "C2'" 1 
ATOM   394 O  "O2'" . G   B 1 7  ? -7.235  -8.857  2.061   1.00 11.43 ? 7   G   B "O2'" 1 
ATOM   395 C  "C1'" . G   B 1 7  ? -6.390  -7.152  0.611   1.00 9.93  ? 7   G   B "C1'" 1 
ATOM   396 N  N9    . G   B 1 7  ? -5.681  -5.866  0.697   1.00 9.11  ? 7   G   B N9    1 
ATOM   397 C  C8    . G   B 1 7  ? -5.903  -4.709  -0.016  1.00 9.36  ? 7   G   B C8    1 
ATOM   398 N  N7    . G   B 1 7  ? -5.053  -3.759  0.279   1.00 8.48  ? 7   G   B N7    1 
ATOM   399 C  C5    . G   B 1 7  ? -4.225  -4.340  1.241   1.00 6.09  ? 7   G   B C5    1 
ATOM   400 C  C6    . G   B 1 7  ? -3.119  -3.810  1.942   1.00 6.67  ? 7   G   B C6    1 
ATOM   401 O  O6    . G   B 1 7  ? -2.639  -2.680  1.816   1.00 8.52  ? 7   G   B O6    1 
ATOM   402 N  N1    . G   B 1 7  ? -2.566  -4.742  2.826   1.00 8.31  ? 7   G   B N1    1 
ATOM   403 C  C2    . G   B 1 7  ? -3.035  -6.019  3.020   1.00 8.33  ? 7   G   B C2    1 
ATOM   404 N  N2    . G   B 1 7  ? -2.402  -6.786  3.929   1.00 8.58  ? 7   G   B N2    1 
ATOM   405 N  N3    . G   B 1 7  ? -4.070  -6.520  2.365   1.00 7.93  ? 7   G   B N3    1 
ATOM   406 C  C4    . G   B 1 7  ? -4.602  -5.630  1.502   1.00 7.81  ? 7   G   B C4    1 
ATOM   407 P  P     . A   B 1 8  ? -10.176 -6.822  3.497   1.00 14.26 ? 8   A   B P     1 
ATOM   408 O  OP1   . A   B 1 8  ? -11.309 -7.660  3.957   1.00 19.39 ? 8   A   B OP1   1 
ATOM   409 O  OP2   . A   B 1 8  ? -10.370 -5.378  3.283   1.00 17.07 ? 8   A   B OP2   1 
ATOM   410 O  "O5'" . A   B 1 8  ? -8.980  -6.994  4.528   1.00 10.95 ? 8   A   B "O5'" 1 
ATOM   411 C  "C5'" . A   B 1 8  ? -8.692  -8.255  5.102   1.00 12.01 ? 8   A   B "C5'" 1 
ATOM   412 C  "C4'" . A   B 1 8  ? -7.708  -8.089  6.224   1.00 9.31  ? 8   A   B "C4'" 1 
ATOM   413 O  "O4'" . A   B 1 8  ? -6.394  -7.770  5.693   1.00 9.57  ? 8   A   B "O4'" 1 
ATOM   414 C  "C3'" . A   B 1 8  ? -7.992  -6.940  7.168   1.00 10.80 ? 8   A   B "C3'" 1 
ATOM   415 O  "O3'" . A   B 1 8  ? -9.040  -7.208  8.085   1.00 10.18 ? 8   A   B "O3'" 1 
ATOM   416 C  "C2'" . A   B 1 8  ? -6.631  -6.706  7.804   1.00 8.60  ? 8   A   B "C2'" 1 
ATOM   417 O  "O2'" . A   B 1 8  ? -6.345  -7.713  8.772   1.00 12.19 ? 8   A   B "O2'" 1 
ATOM   418 C  "C1'" . A   B 1 8  ? -5.715  -6.916  6.598   1.00 8.85  ? 8   A   B "C1'" 1 
ATOM   419 N  N9    . A   B 1 8  ? -5.423  -5.648  5.911   1.00 9.63  ? 8   A   B N9    1 
ATOM   420 C  C8    . A   B 1 8  ? -6.110  -5.076  4.872   1.00 8.93  ? 8   A   B C8    1 
ATOM   421 N  N7    . A   B 1 8  ? -5.610  -3.928  4.466   1.00 10.06 ? 8   A   B N7    1 
ATOM   422 C  C5    . A   B 1 8  ? -4.510  -3.735  5.285   1.00 8.63  ? 8   A   B C5    1 
ATOM   423 C  C6    . A   B 1 8  ? -3.561  -2.697  5.373   1.00 8.59  ? 8   A   B C6    1 
ATOM   424 N  N6    . A   B 1 8  ? -3.536  -1.621  4.583   1.00 9.76  ? 8   A   B N6    1 
ATOM   425 N  N1    . A   B 1 8  ? -2.599  -2.826  6.316   1.00 10.53 ? 8   A   B N1    1 
ATOM   426 C  C2    . A   B 1 8  ? -2.598  -3.898  7.118   1.00 10.83 ? 8   A   B C2    1 
ATOM   427 N  N3    . A   B 1 8  ? -3.445  -4.926  7.138   1.00 10.39 ? 8   A   B N3    1 
ATOM   428 C  C4    . A   B 1 8  ? -4.388  -4.780  6.189   1.00 8.85  ? 8   A   B C4    1 
ATOM   429 P  P     . G   B 1 9  ? -9.800  -5.994  8.804   1.00 10.45 ? 9   G   B P     1 
ATOM   430 O  OP1   . G   B 1 9  ? -10.863 -6.577  9.672   1.00 12.84 ? 9   G   B OP1   1 
ATOM   431 O  OP2   . G   B 1 9  ? -10.184 -4.927  7.848   1.00 10.58 ? 9   G   B OP2   1 
ATOM   432 O  "O5'" . G   B 1 9  ? -8.674  -5.454  9.778   1.00 10.39 ? 9   G   B "O5'" 1 
ATOM   433 C  "C5'" . G   B 1 9  ? -8.532  -4.084  10.066  1.00 10.63 ? 9   G   B "C5'" 1 
ATOM   434 C  "C4'" . G   B 1 9  ? -7.155  -3.843  10.601  1.00 8.59  ? 9   G   B "C4'" 1 
ATOM   435 O  "O4'" . G   B 1 9  ? -6.185  -3.920  9.521   1.00 9.19  ? 9   G   B "O4'" 1 
ATOM   436 C  "C3'" . G   B 1 9  ? -6.918  -2.485  11.220  1.00 11.99 ? 9   G   B "C3'" 1 
ATOM   437 O  "O3'" . G   B 1 9  ? -7.392  -2.443  12.548  1.00 10.77 ? 9   G   B "O3'" 1 
ATOM   438 C  "C2'" . G   B 1 9  ? -5.413  -2.330  11.095  1.00 11.20 ? 9   G   B "C2'" 1 
ATOM   439 O  "O2'" . G   B 1 9  ? -4.748  -3.126  12.066  1.00 11.51 ? 9   G   B "O2'" 1 
ATOM   440 C  "C1'" . G   B 1 9  ? -5.174  -2.956  9.722   1.00 8.46  ? 9   G   B "C1'" 1 
ATOM   441 N  N9    . G   B 1 9  ? -5.262  -1.964  8.635   1.00 8.22  ? 9   G   B N9    1 
ATOM   442 C  C8    . G   B 1 9  ? -6.227  -1.873  7.663   1.00 9.35  ? 9   G   B C8    1 
ATOM   443 N  N7    . G   B 1 9  ? -6.030  -0.884  6.834   1.00 9.79  ? 9   G   B N7    1 
ATOM   444 C  C5    . G   B 1 9  ? -4.857  -0.288  7.289   1.00 8.44  ? 9   G   B C5    1 
ATOM   445 C  C6    . G   B 1 9  ? -4.139  0.827   6.786   1.00 8.88  ? 9   G   B C6    1 
ATOM   446 O  O6    . G   B 1 9  ? -4.407  1.536   5.808   1.00 10.21 ? 9   G   B O6    1 
ATOM   447 N  N1    . G   B 1 9  ? -3.002  1.091   7.544   1.00 8.27  ? 9   G   B N1    1 
ATOM   448 C  C2    . G   B 1 9  ? -2.603  0.375   8.647   1.00 9.03  ? 9   G   B C2    1 
ATOM   449 N  N2    . G   B 1 9  ? -1.483  0.788   9.253   1.00 9.08  ? 9   G   B N2    1 
ATOM   450 N  N3    . G   B 1 9  ? -3.259  -0.664  9.121   1.00 9.48  ? 9   G   B N3    1 
ATOM   451 C  C4    . G   B 1 9  ? -4.367  -0.942  8.395   1.00 8.85  ? 9   G   B C4    1 
HETATM 452 C  "C1'" . HHX B 1 10 ? -3.335  1.225   12.801  1.00 12.70 ? 10  HHX B "C1'" 1 
HETATM 453 C  C2    . HHX B 1 10 ? -3.469  2.840   11.006  1.00 11.16 ? 10  HHX B C2    1 
HETATM 454 C  "C2'" . HHX B 1 10 ? -3.550  2.044   14.221  1.00 12.37 ? 10  HHX B "C2'" 1 
HETATM 455 C  "C3'" . HHX B 1 10 ? -4.447  1.376   14.820  1.00 12.75 ? 10  HHX B "C3'" 1 
HETATM 456 C  C4    . HHX B 1 10 ? -5.194  2.782   9.483   1.00 7.94  ? 10  HHX B C4    1 
HETATM 457 C  "C4'" . HHX B 1 10 ? -4.326  -0.154  14.382  1.00 12.86 ? 10  HHX B "C4'" 1 
HETATM 458 C  C5    . HHX B 1 10 ? -5.758  1.702   10.142  1.00 10.53 ? 10  HHX B C5    1 
HETATM 459 C  "C5'" . HHX B 1 10 ? -5.546  -0.860  14.440  1.00 11.44 ? 10  HHX B "C5'" 1 
HETATM 460 C  C6    . HHX B 1 10 ? -5.110  1.220   11.260  1.00 11.67 ? 10  HHX B C6    1 
HETATM 461 C  "C6'" . HHX B 1 10 ? -1.380  0.958   15.232  1.00 17.21 ? 10  HHX B "C6'" 1 
HETATM 462 C  "C7'" . HHX B 1 10 ? -1.576  3.438   15.131  1.00 17.52 ? 10  HHX B "C7'" 1 
HETATM 463 N  N1    . HHX B 1 10 ? -3.991  1.804   11.669  1.00 9.88  ? 10  HHX B N1    1 
HETATM 464 N  "N2'" . HHX B 1 10 ? -2.158  2.134   14.880  1.00 13.57 ? 10  HHX B "N2'" 1 
HETATM 465 N  N3    . HHX B 1 10 ? -4.074  3.326   9.929   1.00 8.21  ? 10  HHX B N3    1 
HETATM 466 O  O2    . HHX B 1 10 ? -2.470  3.360   11.383  1.00 11.02 ? 10  HHX B O2    1 
HETATM 467 O  "O3'" . HHX B 1 10 ? -4.423  1.440   16.310  1.00 14.77 ? 10  HHX B "O3'" 1 
HETATM 468 O  O4    . HHX B 1 10 ? -5.813  3.283   8.348   1.00 10.40 ? 10  HHX B O4    1 
HETATM 469 O  "O4'" . HHX B 1 10 ? -3.769  -0.015  12.991  1.00 11.02 ? 10  HHX B "O4'" 1 
HETATM 470 O  "O5'" . HHX B 1 10 ? -6.509  -0.287  13.602  1.00 10.99 ? 10  HHX B "O5'" 1 
HETATM 471 O  "O6'" . HHX B 1 10 ? -0.501  3.516   15.630  1.00 22.27 ? 10  HHX B "O6'" 1 
HETATM 472 O  OP1   . HHX B 1 10 ? -8.684  -1.416  14.444  1.00 11.49 ? 10  HHX B OP1   1 
HETATM 473 O  OP2   . HHX B 1 10 ? -8.640  -0.241  12.190  1.00 12.52 ? 10  HHX B OP2   1 
HETATM 474 P  P     . HHX B 1 10 ? -7.894  -1.069  13.196  1.00 11.59 ? 10  HHX B P     1 
ATOM   475 P  P     . C   B 1 11 ? -5.197  2.635   17.031  1.00 14.76 ? 11  C   B P     1 
ATOM   476 O  OP1   . C   B 1 11 ? -4.876  2.532   18.480  1.00 18.48 ? 11  C   B OP1   1 
ATOM   477 O  OP2   . C   B 1 11 ? -6.618  2.683   16.623  1.00 16.19 ? 11  C   B OP2   1 
ATOM   478 O  "O5'" . C   B 1 11 ? -4.424  3.909   16.472  1.00 15.68 ? 11  C   B "O5'" 1 
ATOM   479 C  "C5'" . C   B 1 11 ? -5.092  5.115   16.160  1.00 14.38 ? 11  C   B "C5'" 1 
ATOM   480 C  "C4'" . C   B 1 11 ? -4.213  5.950   15.276  1.00 12.79 ? 11  C   B "C4'" 1 
ATOM   481 O  "O4'" . C   B 1 11 ? -4.137  5.334   13.968  1.00 10.66 ? 11  C   B "O4'" 1 
ATOM   482 C  "C3'" . C   B 1 11 ? -4.676  7.367   15.002  1.00 10.81 ? 11  C   B "C3'" 1 
ATOM   483 O  "O3'" . C   B 1 11 ? -4.261  8.248   16.033  1.00 11.30 ? 11  C   B "O3'" 1 
ATOM   484 C  "C2'" . C   B 1 11 ? -4.013  7.689   13.674  1.00 10.07 ? 11  C   B "C2'" 1 
ATOM   485 O  "O2'" . C   B 1 11 ? -2.673  8.092   13.898  1.00 13.39 ? 11  C   B "O2'" 1 
ATOM   486 C  "C1'" . C   B 1 11 ? -3.995  6.322   12.982  1.00 9.85  ? 11  C   B "C1'" 1 
ATOM   487 N  N1    . C   B 1 11 ? -5.058  6.133   11.969  1.00 8.78  ? 11  C   B N1    1 
ATOM   488 C  C2    . C   B 1 11 ? -4.970  6.847   10.778  1.00 9.21  ? 11  C   B C2    1 
ATOM   489 O  O2    . C   B 1 11 ? -4.024  7.635   10.633  1.00 10.15 ? 11  C   B O2    1 
ATOM   490 N  N3    . C   B 1 11 ? -5.912  6.666   9.820   1.00 8.60  ? 11  C   B N3    1 
ATOM   491 C  C4    . C   B 1 11 ? -6.909  5.799   10.010  1.00 9.04  ? 11  C   B C4    1 
ATOM   492 N  N4    . C   B 1 11 ? -7.813  5.656   9.028   1.00 9.44  ? 11  C   B N4    1 
ATOM   493 C  C5    . C   B 1 11 ? -7.019  5.052   11.221  1.00 11.42 ? 11  C   B C5    1 
ATOM   494 C  C6    . C   B 1 11 ? -6.077  5.246   12.164  1.00 8.54  ? 11  C   B C6    1 
ATOM   495 P  P     . C   B 1 12 ? -5.092  9.574   16.372  1.00 12.05 ? 12  C   B P     1 
ATOM   496 O  OP1   . C   B 1 12 ? -4.303  10.339  17.381  1.00 12.30 ? 12  C   B OP1   1 
ATOM   497 O  OP2   . C   B 1 12 ? -6.493  9.180   16.625  1.00 11.74 ? 12  C   B OP2   1 
ATOM   498 O  "O5'" . C   B 1 12 ? -5.120  10.399  15.018  1.00 9.96  ? 12  C   B "O5'" 1 
ATOM   499 C  "C5'" . C   B 1 12 ? -4.002  11.181  14.642  1.00 10.98 ? 12  C   B "C5'" 1 
ATOM   500 C  "C4'" . C   B 1 12 ? -4.347  12.056  13.472  1.00 10.19 ? 12  C   B "C4'" 1 
ATOM   501 O  "O4'" . C   B 1 12 ? -4.566  11.240  12.301  1.00 11.34 ? 12  C   B "O4'" 1 
ATOM   502 C  "C3'" . C   B 1 12 ? -5.637  12.851  13.597  1.00 11.70 ? 12  C   B "C3'" 1 
ATOM   503 O  "O3'" . C   B 1 12 ? -5.496  14.012  14.395  1.00 12.51 ? 12  C   B "O3'" 1 
ATOM   504 C  "C2'" . C   B 1 12 ? -5.994  13.149  12.142  1.00 12.59 ? 12  C   B "C2'" 1 
ATOM   505 O  "O2'" . C   B 1 12 ? -5.299  14.294  11.671  1.00 15.75 ? 12  C   B "O2'" 1 
ATOM   506 C  "C1'" . C   B 1 12 ? -5.439  11.918  11.420  1.00 11.10 ? 12  C   B "C1'" 1 
ATOM   507 N  N1    . C   B 1 12 ? -6.481  10.992  10.948  1.00 9.85  ? 12  C   B N1    1 
ATOM   508 C  C2    . C   B 1 12 ? -7.005  11.264  9.690   1.00 10.42 ? 12  C   B C2    1 
ATOM   509 O  O2    . C   B 1 12 ? -6.589  12.271  9.095   1.00 11.07 ? 12  C   B O2    1 
ATOM   510 N  N3    . C   B 1 12 ? -7.932  10.437  9.177   1.00 9.42  ? 12  C   B N3    1 
ATOM   511 C  C4    . C   B 1 12 ? -8.338  9.371   9.877   1.00 10.17 ? 12  C   B C4    1 
ATOM   512 N  N4    . C   B 1 12 ? -9.267  8.578   9.341   1.00 11.63 ? 12  C   B N4    1 
ATOM   513 C  C5    . C   B 1 12 ? -7.816  9.074   11.172  1.00 10.80 ? 12  C   B C5    1 
ATOM   514 C  C6    . C   B 1 12 ? -6.888  9.905   11.666  1.00 8.99  ? 12  C   B C6    1 
HETATM 515 O  O     . HOH C 2 .  ? 12.885  2.367   -13.444 1.00 27.61 ? 101 HOH A O     1 
HETATM 516 O  O     . HOH C 2 .  ? -9.243  8.443   -0.348  1.00 30.97 ? 102 HOH A O     1 
HETATM 517 O  O     . HOH C 2 .  ? 5.800   9.801   4.141   1.00 29.10 ? 103 HOH A O     1 
HETATM 518 O  O     . HOH C 2 .  ? -2.127  -12.312 1.953   1.00 18.21 ? 104 HOH A O     1 
HETATM 519 O  O     . HOH C 2 .  ? -2.198  -7.315  -10.374 1.00 19.14 ? 105 HOH A O     1 
HETATM 520 O  O     . HOH C 2 .  ? 1.389   9.611   -0.179  1.00 24.26 ? 106 HOH A O     1 
HETATM 521 O  O     . HOH C 2 .  ? 4.034   3.650   2.257   1.00 17.72 ? 107 HOH A O     1 
HETATM 522 O  O     . HOH C 2 .  ? 8.675   -2.867  9.221   1.00 30.15 ? 108 HOH A O     1 
HETATM 523 O  O     . HOH C 2 .  ? 1.682   -2.707  0.009   1.00 23.21 ? 109 HOH A O     1 
HETATM 524 O  O     . HOH C 2 .  ? -6.218  10.257  -4.090  1.00 16.84 ? 110 HOH A O     1 
HETATM 525 O  O     . HOH C 2 .  ? 2.142   -9.020  -19.994 1.00 22.16 ? 111 HOH A O     1 
HETATM 526 O  O     . HOH C 2 .  ? -1.671  1.144   2.320   1.00 16.96 ? 112 HOH A O     1 
HETATM 527 O  O     . HOH C 2 .  ? 3.884   9.817   0.899   1.00 24.68 ? 113 HOH A O     1 
HETATM 528 O  O     . HOH C 2 .  ? 1.872   2.645   10.627  1.00 25.68 ? 114 HOH A O     1 
HETATM 529 O  O     . HOH C 2 .  ? 7.581   -7.287  -17.406 1.00 28.85 ? 115 HOH A O     1 
HETATM 530 O  O     . HOH C 2 .  ? 4.901   0.525   -14.123 1.00 15.17 ? 116 HOH A O     1 
HETATM 531 O  O     . HOH C 2 .  ? 3.690   -1.544  -18.177 1.00 27.04 ? 117 HOH A O     1 
HETATM 532 O  O     . HOH C 2 .  ? 8.027   -9.808  6.741   1.00 23.74 ? 118 HOH A O     1 
HETATM 533 O  O     . HOH C 2 .  ? 2.129   -4.007  10.953  1.00 26.02 ? 119 HOH A O     1 
HETATM 534 O  O     . HOH C 2 .  ? 7.958   5.086   5.167   1.00 28.41 ? 120 HOH A O     1 
HETATM 535 O  O     . HOH C 2 .  ? 5.290   6.178   1.749   1.00 19.62 ? 121 HOH A O     1 
HETATM 536 O  O     . HOH C 2 .  ? -3.252  11.523  -2.555  1.00 21.63 ? 122 HOH A O     1 
HETATM 537 O  O     . HOH C 2 .  ? -1.363  13.001  -1.140  1.00 17.68 ? 123 HOH A O     1 
HETATM 538 O  O     . HOH C 2 .  ? -3.181  12.787  7.138   1.00 14.01 ? 124 HOH A O     1 
HETATM 539 O  O     . HOH C 2 .  ? -13.800 9.436   -0.007  1.00 24.96 ? 125 HOH A O     1 
HETATM 540 O  O     . HOH C 2 .  ? 4.274   -0.094  4.194   1.00 18.15 ? 126 HOH A O     1 
HETATM 541 O  O     . HOH C 2 .  ? 13.835  2.338   -15.998 1.00 14.30 ? 127 HOH A O     1 
HETATM 542 O  O     . HOH C 2 .  ? -8.476  15.226  3.515   1.00 16.70 ? 128 HOH A O     1 
HETATM 543 O  O     . HOH C 2 .  ? -4.839  8.422   1.068   1.00 17.12 ? 129 HOH A O     1 
HETATM 544 O  O     . HOH C 2 .  ? 3.483   -4.677  1.892   1.00 26.40 ? 130 HOH A O     1 
HETATM 545 O  O     . HOH C 2 .  ? 6.061   -9.169  -10.893 1.00 18.27 ? 131 HOH A O     1 
HETATM 546 O  O     . HOH C 2 .  ? 1.380   -14.444 -10.691 1.00 13.56 ? 132 HOH A O     1 
HETATM 547 O  O     . HOH C 2 .  ? -0.950  7.197   2.029   1.00 11.93 ? 133 HOH A O     1 
HETATM 548 O  O     . HOH C 2 .  ? 5.594   -2.586  -20.826 1.00 25.49 ? 134 HOH A O     1 
HETATM 549 O  O     . HOH C 2 .  ? 9.746   1.539   -20.059 1.00 10.69 ? 135 HOH A O     1 
HETATM 550 O  O     . HOH C 2 .  ? 8.421   -5.756  -20.730 1.00 27.16 ? 136 HOH A O     1 
HETATM 551 O  O     . HOH C 2 .  ? 4.361   -9.118  8.632   1.00 21.71 ? 137 HOH A O     1 
HETATM 552 O  O     . HOH C 2 .  ? -0.468  -14.981 -4.754  1.00 16.42 ? 138 HOH A O     1 
HETATM 553 O  O     . HOH C 2 .  ? -1.660  15.056  2.930   1.00 18.24 ? 139 HOH A O     1 
HETATM 554 O  O     . HOH C 2 .  ? -1.368  -11.330 -11.320 1.00 15.53 ? 140 HOH A O     1 
HETATM 555 O  O     . HOH C 2 .  ? 4.685   -7.065  -3.425  1.00 20.52 ? 141 HOH A O     1 
HETATM 556 O  O     . HOH C 2 .  ? 4.179   11.289  6.170   1.00 18.22 ? 142 HOH A O     1 
HETATM 557 O  O     . HOH C 2 .  ? 5.075   -14.780 -1.622  1.00 27.61 ? 143 HOH A O     1 
HETATM 558 O  O     . HOH C 2 .  ? 7.221   -14.074 1.271   1.00 24.66 ? 144 HOH A O     1 
HETATM 559 O  O     . HOH C 2 .  ? 1.236   -14.600 2.486   1.00 17.66 ? 145 HOH A O     1 
HETATM 560 O  O     . HOH C 2 .  ? 6.759   -10.861 2.613   1.00 22.42 ? 146 HOH A O     1 
HETATM 561 O  O     . HOH C 2 .  ? 4.993   -13.992 -11.334 1.00 26.67 ? 147 HOH A O     1 
HETATM 562 O  O     . HOH C 2 .  ? -8.769  7.172   2.925   1.00 28.41 ? 148 HOH A O     1 
HETATM 563 O  O     . HOH C 2 .  ? -4.906  6.870   3.275   1.00 14.64 ? 149 HOH A O     1 
HETATM 564 O  O     . HOH C 2 .  ? -6.206  15.453  6.330   1.00 24.70 ? 150 HOH A O     1 
HETATM 565 O  O     . HOH C 2 .  ? 4.714   -4.276  -2.852  1.00 32.25 ? 151 HOH A O     1 
HETATM 566 O  O     . HOH C 2 .  ? 6.430   -6.568  -6.448  1.00 28.82 ? 152 HOH A O     1 
HETATM 567 O  O     . HOH C 2 .  ? 1.638   4.592   2.289   1.00 16.86 ? 153 HOH A O     1 
HETATM 568 O  O     . HOH C 2 .  ? -3.372  -10.732 0.237   1.00 18.51 ? 154 HOH A O     1 
HETATM 569 O  O     . HOH C 2 .  ? 4.874   -9.691  -2.362  1.00 23.66 ? 155 HOH A O     1 
HETATM 570 O  O     . HOH C 2 .  ? -6.270  5.283   4.350   1.00 22.67 ? 156 HOH A O     1 
HETATM 571 O  O     . HOH C 2 .  ? -3.022  4.979   2.185   1.00 15.68 ? 157 HOH A O     1 
HETATM 572 O  O     . HOH C 2 .  ? 3.354   -5.430  -0.964  1.00 22.19 ? 158 HOH A O     1 
HETATM 573 O  O     . HOH C 2 .  ? 5.958   -11.989 -8.291  1.00 30.08 ? 159 HOH A O     1 
HETATM 574 O  O     . HOH C 2 .  ? 5.592   -3.370  2.864   1.00 30.03 ? 160 HOH A O     1 
HETATM 575 O  O     . HOH C 2 .  ? 5.414   -7.849  -13.254 1.00 17.18 ? 161 HOH A O     1 
HETATM 576 O  O     . HOH C 2 .  ? -9.218  4.829   5.794   1.00 31.65 ? 162 HOH A O     1 
HETATM 577 O  O     . HOH C 2 .  ? 2.350   -0.421  1.939   1.00 19.06 ? 163 HOH A O     1 
HETATM 578 O  O     . HOH C 2 .  ? 7.870   -7.614  -9.293  1.00 18.07 ? 164 HOH A O     1 
HETATM 579 O  O     . HOH C 2 .  ? 9.778   -6.313  -11.715 1.00 18.52 ? 165 HOH A O     1 
HETATM 580 O  O     . HOH C 2 .  ? -1.989  -4.280  -10.836 1.00 14.92 ? 166 HOH A O     1 
HETATM 581 O  O     . HOH C 2 .  ? 6.650   -12.918 -3.206  1.00 28.43 ? 167 HOH A O     1 
HETATM 582 O  O     . HOH C 2 .  ? 4.425   -9.992  -18.689 1.00 27.93 ? 168 HOH A O     1 
HETATM 583 O  O     . HOH C 2 .  ? 1.229   -2.411  -18.292 1.00 29.55 ? 169 HOH A O     1 
HETATM 584 O  O     . HOH C 2 .  ? -1.619  9.810   -2.165  1.00 26.93 ? 170 HOH A O     1 
HETATM 585 O  O     . HOH C 2 .  ? 1.482   -7.206  10.571  1.00 27.35 ? 171 HOH A O     1 
HETATM 586 O  O     . HOH C 2 .  ? 7.806   -6.736  -14.378 1.00 27.91 ? 172 HOH A O     1 
HETATM 587 O  O     . HOH C 2 .  ? 11.313  -3.712  -20.262 1.00 28.04 ? 173 HOH A O     1 
HETATM 588 O  O     . HOH C 2 .  ? 7.126   -9.590  -2.105  1.00 34.76 ? 174 HOH A O     1 
HETATM 589 O  O     . HOH C 2 .  ? 1.931   0.379   12.400  1.00 31.11 ? 175 HOH A O     1 
HETATM 590 O  O     . HOH C 2 .  ? 8.345   -12.024 -0.633  1.00 38.83 ? 176 HOH A O     1 
HETATM 591 O  O     . HOH C 2 .  ? -0.476  3.327   0.960   1.00 19.39 ? 177 HOH A O     1 
HETATM 592 O  O     . HOH C 2 .  ? 0.159   7.811   -1.844  1.00 21.92 ? 178 HOH A O     1 
HETATM 593 O  O     . HOH C 2 .  ? 6.043   -3.140  -23.287 1.00 32.48 ? 179 HOH A O     1 
HETATM 594 O  O     . HOH C 2 .  ? -5.292  7.506   -3.909  1.00 30.28 ? 180 HOH A O     1 
HETATM 595 O  O     . HOH C 2 .  ? 0.787   -16.027 -0.239  1.00 30.02 ? 181 HOH A O     1 
HETATM 596 O  O     . HOH C 2 .  ? 2.142   1.936   0.543   1.00 25.02 ? 182 HOH A O     1 
HETATM 597 O  O     . HOH C 2 .  ? 5.228   -1.667  0.397   1.00 28.97 ? 183 HOH A O     1 
HETATM 598 O  O     . HOH D 2 .  ? -10.455 -1.063  10.793  1.00 24.85 ? 101 HOH B O     1 
HETATM 599 O  O     . HOH D 2 .  ? 12.348  -0.006  -1.738  1.00 27.16 ? 102 HOH B O     1 
HETATM 600 O  O     . HOH D 2 .  ? 12.536  -3.749  -5.277  1.00 24.93 ? 103 HOH B O     1 
HETATM 601 O  O     . HOH D 2 .  ? -2.793  -6.786  -7.560  1.00 21.08 ? 104 HOH B O     1 
HETATM 602 O  O     . HOH D 2 .  ? -7.266  7.501   18.380  1.00 24.18 ? 105 HOH B O     1 
HETATM 603 O  O     . HOH D 2 .  ? -1.219  4.470   -3.940  1.00 18.98 ? 106 HOH B O     1 
HETATM 604 O  O     . HOH D 2 .  ? 1.709   -1.066  -2.195  1.00 20.39 ? 107 HOH B O     1 
HETATM 605 O  O     . HOH D 2 .  ? -1.756  8.809   11.568  1.00 14.73 ? 108 HOH B O     1 
HETATM 606 O  O     . HOH D 2 .  ? -8.985  -3.257  6.213   1.00 19.30 ? 109 HOH B O     1 
HETATM 607 O  O     . HOH D 2 .  ? -12.533 -6.264  -2.858  1.00 26.76 ? 110 HOH B O     1 
HETATM 608 O  O     . HOH D 2 .  ? -9.278  2.329   12.403  1.00 18.13 ? 111 HOH B O     1 
HETATM 609 O  O     . HOH D 2 .  ? -8.262  11.187  16.800  1.00 20.67 ? 112 HOH B O     1 
HETATM 610 O  O     . HOH D 2 .  ? -11.104 -9.247  9.782   1.00 18.25 ? 113 HOH B O     1 
HETATM 611 O  O     . HOH D 2 .  ? 6.044   9.066   -5.300  1.00 23.01 ? 114 HOH B O     1 
HETATM 612 O  O     . HOH D 2 .  ? 16.188  2.372   -9.081  1.00 27.22 ? 115 HOH B O     1 
HETATM 613 O  O     . HOH D 2 .  ? 8.968   2.000   -3.566  1.00 17.08 ? 116 HOH B O     1 
HETATM 614 O  O     . HOH D 2 .  ? -13.424 -6.111  8.915   1.00 30.42 ? 117 HOH B O     1 
HETATM 615 O  O     . HOH D 2 .  ? -0.451  6.964   -4.674  1.00 18.16 ? 118 HOH B O     1 
HETATM 616 O  O     . HOH D 2 .  ? -7.581  -0.166  4.726   1.00 18.98 ? 119 HOH B O     1 
HETATM 617 O  O     . HOH D 2 .  ? 9.301   8.218   -3.410  1.00 23.32 ? 120 HOH B O     1 
HETATM 618 O  O     . HOH D 2 .  ? -4.798  -5.359  -8.987  1.00 26.15 ? 121 HOH B O     1 
HETATM 619 O  O     . HOH D 2 .  ? -10.163 -0.985  -8.169  1.00 14.85 ? 122 HOH B O     1 
HETATM 620 O  O     . HOH D 2 .  ? -6.491  2.542   4.315   1.00 26.80 ? 123 HOH B O     1 
HETATM 621 O  O     . HOH D 2 .  ? -8.171  -2.044  -9.563  1.00 14.38 ? 124 HOH B O     1 
HETATM 622 O  O     . HOH D 2 .  ? 5.012   3.262   -4.328  1.00 13.11 ? 125 HOH B O     1 
HETATM 623 O  O     . HOH D 2 .  ? -6.130  -8.842  -4.220  1.00 15.36 ? 126 HOH B O     1 
HETATM 624 O  O     . HOH D 2 .  ? -4.746  13.013  17.889  1.00 15.74 ? 127 HOH B O     1 
HETATM 625 O  O     . HOH D 2 .  ? 0.201   4.045   11.658  1.00 28.58 ? 128 HOH B O     1 
HETATM 626 O  O     . HOH D 2 .  ? 2.511   7.622   -10.300 1.00 15.13 ? 129 HOH B O     1 
HETATM 627 O  O     . HOH D 2 .  ? -2.837  -6.416  9.399   1.00 19.73 ? 130 HOH B O     1 
HETATM 628 O  O     . HOH D 2 .  ? 4.756   6.880   -3.772  1.00 21.98 ? 131 HOH B O     1 
HETATM 629 O  O     . HOH D 2 .  ? -7.822  3.599   14.287  1.00 19.23 ? 132 HOH B O     1 
HETATM 630 O  O     . HOH D 2 .  ? 15.228  -3.069  -1.831  1.00 25.47 ? 133 HOH B O     1 
HETATM 631 O  O     . HOH D 2 .  ? -10.584 -7.638  -4.377  1.00 19.83 ? 134 HOH B O     1 
HETATM 632 O  O     . HOH D 2 .  ? 9.328   3.970   -11.125 1.00 13.59 ? 135 HOH B O     1 
HETATM 633 O  O     . HOH D 2 .  ? 7.410   0.127   -4.916  1.00 14.66 ? 136 HOH B O     1 
HETATM 634 O  O     . HOH D 2 .  ? -11.480 -1.723  14.406  1.00 16.22 ? 137 HOH B O     1 
HETATM 635 O  O     . HOH D 2 .  ? 10.488  -1.640  -4.438  1.00 26.57 ? 138 HOH B O     1 
HETATM 636 O  O     . HOH D 2 .  ? -4.008  0.988   -4.006  1.00 13.71 ? 139 HOH B O     1 
HETATM 637 O  O     . HOH D 2 .  ? -9.073  -10.835 1.194   1.00 22.66 ? 140 HOH B O     1 
HETATM 638 O  O     . HOH D 2 .  ? -3.611  4.796   19.672  1.00 28.65 ? 141 HOH B O     1 
HETATM 639 O  O     . HOH D 2 .  ? -8.584  -2.174  1.211   1.00 24.20 ? 142 HOH B O     1 
HETATM 640 O  O     . HOH D 2 .  ? 14.007  4.131   -10.232 1.00 22.06 ? 143 HOH B O     1 
HETATM 641 O  O     . HOH D 2 .  ? -6.117  -1.624  2.823   1.00 18.29 ? 144 HOH B O     1 
HETATM 642 O  O     . HOH D 2 .  ? -4.771  14.440  8.595   1.00 18.73 ? 145 HOH B O     1 
HETATM 643 O  O     . HOH D 2 .  ? -7.999  8.243   14.359  1.00 22.74 ? 146 HOH B O     1 
HETATM 644 O  O     . HOH D 2 .  ? 1.323   3.383   -3.742  1.00 15.60 ? 147 HOH B O     1 
HETATM 645 O  O     . HOH D 2 .  ? -14.141 -8.161  3.599   1.00 27.35 ? 148 HOH B O     1 
HETATM 646 O  O     . HOH D 2 .  ? -4.997  -0.878  -0.050  1.00 19.93 ? 149 HOH B O     1 
HETATM 647 O  O     . HOH D 2 .  ? -7.224  3.108   -3.893  1.00 30.38 ? 150 HOH B O     1 
HETATM 648 O  O     . HOH D 2 .  ? 7.364   -2.534  -5.269  1.00 21.57 ? 151 HOH B O     1 
HETATM 649 O  O     . HOH D 2 .  ? -1.949  -2.399  11.110  1.00 21.14 ? 152 HOH B O     1 
HETATM 650 O  O     . HOH D 2 .  ? 5.025   0.493   -3.368  1.00 16.58 ? 153 HOH B O     1 
HETATM 651 O  O     . HOH D 2 .  ? -8.654  0.504   16.827  1.00 30.00 ? 154 HOH B O     1 
HETATM 652 O  O     . HOH D 2 .  ? -1.084  -0.585  0.332   1.00 25.88 ? 155 HOH B O     1 
HETATM 653 O  O     . HOH D 2 .  ? -10.490 6.437   11.073  1.00 20.82 ? 156 HOH B O     1 
HETATM 654 O  O     . HOH D 2 .  ? -0.178  -0.210  11.780  1.00 17.96 ? 157 HOH B O     1 
HETATM 655 O  O     . HOH D 2 .  ? -9.899  3.604   9.794   1.00 21.66 ? 158 HOH B O     1 
HETATM 656 O  O     . HOH D 2 .  ? 11.213  2.901   0.431   1.00 26.60 ? 159 HOH B O     1 
HETATM 657 O  O     . HOH D 2 .  ? -2.483  0.275   -1.653  1.00 19.20 ? 160 HOH B O     1 
HETATM 658 O  O     . HOH D 2 .  ? 0.493   6.406   14.785  1.00 30.28 ? 161 HOH B O     1 
HETATM 659 O  O     . HOH D 2 .  ? 11.374  -5.746  -8.185  1.00 29.06 ? 162 HOH B O     1 
HETATM 660 O  O     . HOH D 2 .  ? -7.526  0.012   -1.772  1.00 33.83 ? 163 HOH B O     1 
HETATM 661 O  O     . HOH D 2 .  ? -11.223 -10.650 2.644   1.00 24.74 ? 164 HOH B O     1 
HETATM 662 O  O     . HOH D 2 .  ? -2.174  0.597   18.978  1.00 29.37 ? 165 HOH B O     1 
HETATM 663 O  O     . HOH D 2 .  ? -4.273  0.964   2.249   1.00 27.11 ? 166 HOH B O     1 
HETATM 664 O  O     . HOH D 2 .  ? 12.667  5.807   -10.929 1.00 27.69 ? 167 HOH B O     1 
HETATM 665 O  O     . HOH D 2 .  ? 4.718   -1.959  -1.853  1.00 27.52 ? 168 HOH B O     1 
HETATM 666 O  O     . HOH D 2 .  ? -6.473  11.186  20.391  1.00 25.57 ? 169 HOH B O     1 
HETATM 667 O  O     . HOH D 2 .  ? -11.490 8.854   12.470  1.00 33.35 ? 170 HOH B O     1 
HETATM 668 O  O     . HOH D 2 .  ? 8.290   1.213   -1.137  1.00 27.19 ? 171 HOH B O     1 
HETATM 669 O  O     . HOH D 2 .  ? -10.074 -0.956  7.964   1.00 29.99 ? 172 HOH B O     1 
HETATM 670 O  O     . HOH D 2 .  ? -7.153  6.530   -5.317  1.00 34.90 ? 173 HOH B O     1 
HETATM 671 O  O     . HOH D 2 .  ? 4.727   9.528   -3.453  1.00 32.60 ? 174 HOH B O     1 
HETATM 672 O  O     . HOH D 2 .  ? 2.074   5.960   -1.538  1.00 25.51 ? 175 HOH B O     1 
HETATM 673 O  O     . HOH D 2 .  ? -1.960  6.311   18.744  1.00 29.73 ? 176 HOH B O     1 
HETATM 674 O  O     . HOH D 2 .  ? -5.712  6.191   20.099  1.00 32.12 ? 177 HOH B O     1 
HETATM 675 O  O     . HOH D 2 .  ? 0.713   6.312   12.256  1.00 26.81 ? 178 HOH B O     1 
HETATM 676 O  O     . HOH D 2 .  ? -1.475  -2.628  15.320  1.00 23.63 ? 179 HOH B O     1 
HETATM 677 O  O     . HOH D 2 .  ? -2.372  -1.940  17.805  1.00 22.88 ? 180 HOH B O     1 
HETATM 678 O  O     . HOH D 2 .  ? -0.014  7.147   -11.498 1.00 29.62 ? 181 HOH B O     1 
HETATM 679 O  O     . HOH D 2 .  ? 5.639   8.776   -1.139  1.00 28.37 ? 182 HOH B O     1 
HETATM 680 O  O     . HOH D 2 .  ? 4.969   5.854   -1.111  1.00 23.74 ? 183 HOH B O     1 
HETATM 681 O  O     . HOH D 2 .  ? -2.444  4.274   22.089  1.00 32.94 ? 184 HOH B O     1 
HETATM 682 O  O     . HOH D 2 .  ? 1.923   1.593   -1.765  1.00 23.22 ? 185 HOH B O     1 
HETATM 683 O  O     . HOH D 2 .  ? -9.261  5.997   14.242  1.00 25.98 ? 186 HOH B O     1 
HETATM 684 O  O     . HOH D 2 .  ? -2.899  8.092   -5.264  1.00 30.73 ? 187 HOH B O     1 
# 
